data_4QYS
#
_entry.id   4QYS
#
_cell.length_a   55.564
_cell.length_b   61.903
_cell.length_c   109.574
_cell.angle_alpha   90.00
_cell.angle_beta   98.23
_cell.angle_gamma   90.00
#
_symmetry.space_group_name_H-M   'P 1 21 1'
#
loop_
_entity.id
_entity.type
_entity.pdbx_description
1 polymer 'Tryptophan synthase beta chain 2'
2 non-polymer '(5-HYDROXY-4,6-DIMETHYLPYRIDIN-3-YL)METHYL DIHYDROGEN PHOSPHATE'
3 non-polymer "PYRIDOXAL-5'-PHOSPHATE"
4 non-polymer PHOSPHOSERINE
5 water water
#
_entity_poly.entity_id   1
_entity_poly.type   'polypeptide(L)'
_entity_poly.pdbx_seq_one_letter_code
;MAMRIRIDLPQDEIPAQWYNILPDLPEELPPPQDPTGKSLELLKEVLPSKVLELEFAKERYVKIPDEVLERYLQVGRPTP
IIRAKRLEEYLGNNIKIYLKMESYTYTGSHKINSALAHVYYAKLDNAKFVTTETGAGQWGSSVALASALFRMKAHIFMVR
TSYYAKPYRKYMMQMYGAEVHPSPSDLTEFGRQLLAKDSNHPGSLGIAISDAVEYAHKNGGKYVVGSVVNSDIMFKTIAG
MEAKKQMELIGEDPDYIIGVVGGGSNYAALAYPFLGDELRSGKVRRKYIASGSSEVPKMTKGVYKYDYPDTAKLLPMLKM
YTIGSDFVPPPVYAGGLRYHGVAPTLSLLISKGIVQARDYSQEESFKWAKLFSELEGYIPAPETSHALPILAEIAEEAKK
SGERKTVLVSFSGHGLLDLGNYASVLFKEKLAAALEHHHHHH
;
_entity_poly.pdbx_strand_id   B,A
#
# COMPACT_ATOMS: atom_id res chain seq x y z
N ARG A 4 -17.47 9.28 8.12
CA ARG A 4 -17.59 8.55 9.38
C ARG A 4 -17.01 7.13 9.42
N ILE A 5 -16.16 6.74 8.50
CA ILE A 5 -15.85 5.32 8.38
C ILE A 5 -14.45 4.88 8.83
N ARG A 6 -13.54 5.82 9.09
CA ARG A 6 -12.22 5.43 9.57
C ARG A 6 -11.97 5.94 10.98
N ILE A 7 -11.52 5.05 11.84
CA ILE A 7 -11.20 5.38 13.22
C ILE A 7 -9.68 5.31 13.42
N ASP A 8 -9.07 6.49 13.58
CA ASP A 8 -7.63 6.62 13.74
C ASP A 8 -7.26 6.70 15.22
N LEU A 9 -6.21 6.02 15.60
CA LEU A 9 -5.68 6.16 16.94
C LEU A 9 -4.40 6.99 16.81
N PRO A 10 -4.38 8.19 17.40
CA PRO A 10 -3.19 9.05 17.33
C PRO A 10 -1.93 8.29 17.71
N GLN A 11 -0.80 8.64 17.11
CA GLN A 11 0.43 7.91 17.40
C GLN A 11 0.87 8.11 18.84
N ASP A 12 0.51 9.24 19.44
CA ASP A 12 0.87 9.49 20.82
C ASP A 12 0.02 8.66 21.79
N GLU A 13 -0.90 7.87 21.26
CA GLU A 13 -1.78 7.03 22.08
C GLU A 13 -1.63 5.53 21.80
N ILE A 14 -0.60 5.16 21.05
CA ILE A 14 -0.31 3.74 20.78
C ILE A 14 -0.05 3.01 22.11
N PRO A 15 -0.60 1.78 22.24
CA PRO A 15 -0.33 0.94 23.42
C PRO A 15 1.16 0.71 23.63
N ALA A 16 1.57 0.49 24.87
CA ALA A 16 3.00 0.35 25.17
C ALA A 16 3.38 -1.01 25.78
N GLN A 17 2.44 -1.94 25.74
CA GLN A 17 2.77 -3.31 26.14
C GLN A 17 2.05 -4.33 25.25
N TRP A 18 2.67 -5.49 25.15
CA TRP A 18 2.15 -6.67 24.45
C TRP A 18 1.38 -7.51 25.44
N TYR A 19 0.47 -8.33 24.93
CA TYR A 19 -0.37 -9.17 25.77
C TYR A 19 0.04 -10.64 25.64
N ASN A 20 0.18 -11.27 26.81
CA ASN A 20 0.53 -12.67 26.92
C ASN A 20 -0.65 -13.42 27.54
N ILE A 21 -1.35 -14.19 26.72
CA ILE A 21 -2.56 -14.86 27.17
C ILE A 21 -2.27 -16.05 28.11
N LEU A 22 -1.03 -16.54 28.09
CA LEU A 22 -0.69 -17.76 28.83
C LEU A 22 -1.27 -17.80 30.25
N PRO A 23 -0.96 -16.79 31.08
CA PRO A 23 -1.56 -16.78 32.43
C PRO A 23 -3.09 -16.80 32.45
N ASP A 24 -3.74 -16.44 31.35
CA ASP A 24 -5.20 -16.34 31.38
C ASP A 24 -5.91 -17.50 30.69
N LEU A 25 -5.16 -18.42 30.10
CA LEU A 25 -5.77 -19.60 29.49
C LEU A 25 -6.57 -20.39 30.52
N PRO A 26 -7.64 -21.07 30.08
CA PRO A 26 -8.53 -21.85 30.95
C PRO A 26 -7.76 -22.93 31.71
N GLU A 27 -6.93 -23.67 30.98
CA GLU A 27 -6.00 -24.59 31.61
C GLU A 27 -4.61 -24.28 31.08
N GLU A 28 -3.59 -24.85 31.71
CA GLU A 28 -2.22 -24.55 31.31
C GLU A 28 -1.98 -25.03 29.88
N LEU A 29 -1.15 -24.30 29.16
CA LEU A 29 -0.74 -24.68 27.83
C LEU A 29 0.13 -25.93 27.88
N PRO A 30 -0.23 -26.96 27.09
CA PRO A 30 0.61 -28.16 26.98
C PRO A 30 2.03 -27.81 26.58
N PRO A 31 2.98 -27.90 27.52
CA PRO A 31 4.38 -27.50 27.31
C PRO A 31 4.96 -28.03 26.01
N PRO A 32 5.81 -27.22 25.35
CA PRO A 32 6.58 -27.73 24.21
C PRO A 32 7.51 -28.85 24.64
N GLN A 33 7.90 -29.71 23.71
CA GLN A 33 8.93 -30.70 24.00
C GLN A 33 10.29 -30.01 24.10
N GLU A 41 19.81 -27.00 20.03
CA GLU A 41 20.20 -26.16 21.15
C GLU A 41 21.70 -25.74 21.36
N LEU A 42 22.46 -25.09 20.44
CA LEU A 42 22.22 -24.59 19.06
C LEU A 42 21.16 -23.52 18.89
N LEU A 43 19.97 -23.96 19.21
CA LEU A 43 18.74 -23.21 19.36
C LEU A 43 18.81 -22.33 20.58
N LYS A 44 19.73 -21.40 20.56
CA LYS A 44 20.17 -20.73 21.78
C LYS A 44 21.43 -19.94 21.42
N GLU A 45 22.24 -20.53 20.54
CA GLU A 45 23.31 -19.80 19.88
C GLU A 45 22.74 -18.89 18.79
N VAL A 46 21.78 -19.40 18.02
CA VAL A 46 21.29 -18.68 16.86
C VAL A 46 20.06 -17.84 17.17
N LEU A 47 19.32 -18.17 18.22
CA LEU A 47 18.11 -17.42 18.61
C LEU A 47 18.39 -16.30 19.59
N PRO A 48 17.68 -15.16 19.43
CA PRO A 48 17.87 -14.05 20.37
C PRO A 48 17.54 -14.51 21.80
N SER A 49 18.39 -14.16 22.76
CA SER A 49 18.21 -14.58 24.15
C SER A 49 16.84 -14.20 24.72
N LYS A 50 16.39 -12.97 24.49
CA LYS A 50 15.11 -12.55 25.06
C LYS A 50 13.95 -13.26 24.38
N VAL A 51 14.12 -13.59 23.11
CA VAL A 51 13.09 -14.33 22.39
C VAL A 51 12.85 -15.67 23.07
N LEU A 52 13.94 -16.35 23.44
CA LEU A 52 13.84 -17.61 24.18
C LEU A 52 13.16 -17.41 25.54
N GLU A 53 13.51 -16.33 26.22
CA GLU A 53 12.96 -16.05 27.54
C GLU A 53 11.45 -15.83 27.51
N LEU A 54 10.98 -15.14 26.48
CA LEU A 54 9.59 -14.71 26.42
C LEU A 54 8.62 -15.84 26.09
N GLU A 55 9.15 -16.97 25.64
CA GLU A 55 8.32 -18.11 25.32
C GLU A 55 7.58 -18.60 26.56
N PHE A 56 8.34 -18.81 27.64
CA PHE A 56 7.79 -19.33 28.89
C PHE A 56 7.20 -18.24 29.77
N ALA A 57 7.10 -17.02 29.24
CA ALA A 57 6.73 -15.86 30.04
C ALA A 57 5.46 -16.11 30.85
N LYS A 58 5.47 -15.68 32.10
CA LYS A 58 4.33 -15.91 32.99
C LYS A 58 3.64 -14.60 33.31
N GLU A 59 4.27 -13.48 32.95
CA GLU A 59 3.65 -12.18 33.13
C GLU A 59 2.59 -11.94 32.07
N ARG A 60 1.51 -11.31 32.47
CA ARG A 60 0.41 -10.98 31.56
C ARG A 60 0.80 -9.99 30.46
N TYR A 61 1.71 -9.06 30.77
CA TYR A 61 2.18 -8.07 29.80
C TYR A 61 3.69 -7.93 29.75
N VAL A 62 4.17 -7.65 28.55
CA VAL A 62 5.56 -7.34 28.32
C VAL A 62 5.62 -5.92 27.79
N LYS A 63 6.34 -5.05 28.49
CA LYS A 63 6.53 -3.69 28.05
C LYS A 63 7.21 -3.73 26.69
N ILE A 64 6.67 -2.97 25.74
CA ILE A 64 7.32 -2.81 24.45
C ILE A 64 8.49 -1.83 24.60
N PRO A 65 9.70 -2.26 24.21
CA PRO A 65 10.86 -1.36 24.29
C PRO A 65 10.63 -0.07 23.53
N ASP A 66 11.16 1.03 24.04
CA ASP A 66 10.95 2.32 23.42
C ASP A 66 11.51 2.33 21.99
N GLU A 67 12.61 1.61 21.77
CA GLU A 67 13.21 1.49 20.43
C GLU A 67 12.24 0.81 19.44
N VAL A 68 11.53 -0.21 19.93
CA VAL A 68 10.57 -0.97 19.12
C VAL A 68 9.36 -0.09 18.84
N LEU A 69 8.88 0.59 19.88
CA LEU A 69 7.70 1.44 19.78
C LEU A 69 7.91 2.51 18.73
N GLU A 70 9.11 3.10 18.72
CA GLU A 70 9.50 4.09 17.73
C GLU A 70 9.44 3.57 16.27
N ARG A 71 9.82 2.31 16.05
CA ARG A 71 9.74 1.74 14.69
C ARG A 71 8.31 1.34 14.35
N TYR A 72 7.53 0.94 15.34
CA TYR A 72 6.10 0.71 15.13
C TYR A 72 5.48 1.96 14.50
N LEU A 73 5.80 3.13 15.06
CA LEU A 73 5.32 4.41 14.51
C LEU A 73 5.90 4.66 13.13
N GLN A 74 7.18 4.33 12.96
CA GLN A 74 7.84 4.51 11.66
C GLN A 74 7.13 3.76 10.52
N VAL A 75 6.61 2.55 10.80
CA VAL A 75 6.05 1.71 9.75
C VAL A 75 4.52 1.83 9.61
N GLY A 76 3.93 2.79 10.27
CA GLY A 76 2.56 3.15 9.96
C GLY A 76 1.59 2.91 11.10
N ARG A 77 2.06 2.39 12.22
CA ARG A 77 1.18 2.17 13.38
C ARG A 77 0.88 3.49 14.11
N PRO A 78 -0.25 3.55 14.81
CA PRO A 78 -1.28 2.52 14.81
C PRO A 78 -2.04 2.53 13.48
N THR A 79 -2.44 1.37 13.01
CA THR A 79 -3.25 1.20 11.80
C THR A 79 -4.71 1.55 12.09
N PRO A 80 -5.42 2.10 11.09
CA PRO A 80 -6.80 2.46 11.36
C PRO A 80 -7.76 1.25 11.43
N ILE A 81 -8.90 1.48 12.05
CA ILE A 81 -10.04 0.58 11.86
C ILE A 81 -10.89 1.24 10.78
N ILE A 82 -11.31 0.48 9.78
CA ILE A 82 -12.22 1.02 8.77
C ILE A 82 -13.57 0.30 8.88
N ARG A 83 -14.66 1.06 8.76
CA ARG A 83 -15.97 0.46 8.72
C ARG A 83 -16.38 0.23 7.29
N ALA A 84 -16.74 -1.00 6.96
CA ALA A 84 -17.08 -1.32 5.59
C ALA A 84 -18.58 -1.15 5.37
N LYS A 85 -19.02 0.10 5.29
CA LYS A 85 -20.45 0.42 5.16
C LYS A 85 -21.09 -0.09 3.88
N ARG A 86 -20.32 -0.17 2.80
CA ARG A 86 -20.90 -0.62 1.54
C ARG A 86 -21.09 -2.14 1.58
N LEU A 87 -20.23 -2.82 2.32
CA LEU A 87 -20.35 -4.27 2.45
C LEU A 87 -21.55 -4.58 3.35
N GLU A 88 -21.69 -3.79 4.42
CA GLU A 88 -22.84 -3.88 5.32
C GLU A 88 -24.18 -3.79 4.56
N GLU A 89 -24.26 -2.85 3.63
CA GLU A 89 -25.49 -2.61 2.87
C GLU A 89 -25.77 -3.82 1.98
N TYR A 90 -24.72 -4.31 1.32
CA TYR A 90 -24.81 -5.49 0.49
C TYR A 90 -25.36 -6.69 1.28
N LEU A 91 -25.02 -6.74 2.56
CA LEU A 91 -25.34 -7.86 3.44
C LEU A 91 -26.64 -7.61 4.20
N GLY A 92 -27.30 -6.49 3.89
CA GLY A 92 -28.61 -6.20 4.42
C GLY A 92 -28.65 -5.36 5.69
N ASN A 93 -27.55 -4.67 5.99
CA ASN A 93 -27.51 -3.83 7.19
C ASN A 93 -27.99 -4.59 8.43
N ASN A 94 -27.61 -5.86 8.52
CA ASN A 94 -27.95 -6.67 9.67
C ASN A 94 -26.79 -6.70 10.68
N ILE A 95 -25.60 -6.34 10.20
CA ILE A 95 -24.44 -6.29 11.08
C ILE A 95 -23.67 -5.00 10.79
N LYS A 96 -22.73 -4.66 11.70
CA LYS A 96 -21.73 -3.64 11.45
C LYS A 96 -20.37 -4.31 11.33
N ILE A 97 -19.59 -3.87 10.35
CA ILE A 97 -18.33 -4.54 10.02
C ILE A 97 -17.17 -3.58 10.23
N TYR A 98 -16.32 -3.89 11.20
CA TYR A 98 -15.13 -3.07 11.44
C TYR A 98 -13.87 -3.83 11.04
N LEU A 99 -13.05 -3.21 10.20
CA LEU A 99 -11.85 -3.85 9.69
C LEU A 99 -10.60 -3.29 10.37
N LYS A 100 -9.91 -4.13 11.12
CA LYS A 100 -8.65 -3.69 11.67
C LYS A 100 -7.62 -3.80 10.55
N MET A 101 -7.19 -2.66 10.00
CA MET A 101 -6.35 -2.64 8.80
C MET A 101 -4.83 -2.80 9.04
N GLU A 102 -4.43 -4.03 9.31
CA GLU A 102 -3.02 -4.36 9.41
C GLU A 102 -2.34 -4.25 8.06
N SER A 103 -3.11 -4.30 6.98
CA SER A 103 -2.58 -4.03 5.65
C SER A 103 -1.97 -2.63 5.48
N TYR A 104 -2.22 -1.74 6.44
CA TYR A 104 -1.80 -0.34 6.33
C TYR A 104 -0.34 -0.13 6.76
N THR A 105 0.28 -1.13 7.37
CA THR A 105 1.69 -1.04 7.62
C THR A 105 2.41 -0.95 6.27
N TYR A 106 3.63 -0.48 6.29
CA TYR A 106 4.39 -0.26 5.06
C TYR A 106 4.69 -1.56 4.27
N THR A 107 4.82 -2.69 4.93
CA THR A 107 5.01 -3.94 4.18
C THR A 107 3.68 -4.62 3.82
N GLY A 108 2.58 -4.02 4.25
CA GLY A 108 1.24 -4.45 3.85
C GLY A 108 0.70 -5.66 4.59
N SER A 109 1.18 -5.87 5.81
CA SER A 109 0.71 -7.00 6.57
C SER A 109 1.15 -6.91 8.02
N HIS A 110 0.54 -7.75 8.85
CA HIS A 110 0.79 -7.79 10.28
C HIS A 110 2.16 -8.33 10.67
N LYS A 111 2.88 -8.94 9.74
CA LYS A 111 4.11 -9.68 10.06
C LYS A 111 5.23 -8.77 10.57
N ILE A 112 5.25 -7.52 10.13
CA ILE A 112 6.26 -6.56 10.58
C ILE A 112 6.17 -6.35 12.10
N ASN A 113 4.98 -6.53 12.67
CA ASN A 113 4.79 -6.37 14.12
C ASN A 113 5.71 -7.28 14.94
N SER A 114 5.89 -8.53 14.51
CA SER A 114 6.86 -9.37 15.23
C SER A 114 8.28 -9.29 14.65
N ALA A 115 8.42 -9.07 13.34
CA ALA A 115 9.75 -8.88 12.74
C ALA A 115 10.55 -7.78 13.44
N LEU A 116 9.91 -6.65 13.75
CA LEU A 116 10.61 -5.57 14.42
C LEU A 116 11.14 -6.01 15.77
N ALA A 117 10.32 -6.72 16.53
CA ALA A 117 10.73 -7.18 17.83
C ALA A 117 11.85 -8.22 17.76
N HIS A 118 11.75 -9.18 16.84
CA HIS A 118 12.81 -10.18 16.71
C HIS A 118 14.15 -9.53 16.36
N VAL A 119 14.14 -8.56 15.42
CA VAL A 119 15.37 -7.91 15.02
C VAL A 119 15.92 -7.09 16.18
N TYR A 120 15.06 -6.31 16.86
CA TYR A 120 15.46 -5.55 18.02
C TYR A 120 16.24 -6.42 19.01
N TYR A 121 15.66 -7.57 19.35
CA TYR A 121 16.25 -8.42 20.37
C TYR A 121 17.50 -9.11 19.85
N ALA A 122 17.58 -9.33 18.54
CA ALA A 122 18.84 -9.77 17.93
C ALA A 122 19.92 -8.72 18.13
N LYS A 123 19.58 -7.46 17.84
CA LYS A 123 20.54 -6.37 17.95
C LYS A 123 21.00 -6.21 19.41
N LEU A 124 20.10 -6.43 20.35
CA LEU A 124 20.44 -6.43 21.78
C LEU A 124 21.45 -7.51 22.11
N ASP A 125 21.34 -8.64 21.42
CA ASP A 125 22.28 -9.75 21.62
C ASP A 125 23.58 -9.47 20.93
N ASN A 126 23.67 -8.30 20.31
CA ASN A 126 24.89 -7.86 19.66
C ASN A 126 25.17 -8.67 18.39
N ALA A 127 24.10 -9.07 17.70
CA ALA A 127 24.23 -9.89 16.49
C ALA A 127 24.85 -9.12 15.31
N LYS A 128 25.81 -9.76 14.64
CA LYS A 128 26.46 -9.17 13.48
C LYS A 128 25.51 -9.00 12.29
N PHE A 129 24.49 -9.85 12.23
CA PHE A 129 23.45 -9.80 11.21
C PHE A 129 22.30 -10.71 11.62
N VAL A 130 21.19 -10.65 10.89
CA VAL A 130 20.11 -11.63 11.13
C VAL A 130 19.85 -12.42 9.85
N THR A 131 19.37 -13.65 10.01
CA THR A 131 19.00 -14.44 8.86
C THR A 131 17.59 -14.93 9.07
N THR A 132 16.94 -15.30 7.98
CA THR A 132 15.62 -15.91 8.09
C THR A 132 15.35 -16.61 6.78
N GLU A 133 14.38 -17.53 6.81
CA GLU A 133 13.96 -18.25 5.62
C GLU A 133 12.71 -17.58 5.08
N THR A 134 12.45 -17.74 3.80
CA THR A 134 11.19 -17.25 3.24
C THR A 134 10.90 -18.04 1.97
N GLY A 135 9.61 -18.20 1.67
CA GLY A 135 9.19 -18.87 0.46
C GLY A 135 8.50 -17.90 -0.48
N ALA A 136 7.27 -17.54 -0.17
CA ALA A 136 6.52 -16.59 -0.98
C ALA A 136 7.07 -15.16 -0.80
N GLY A 137 7.72 -14.91 0.33
CA GLY A 137 8.42 -13.66 0.56
C GLY A 137 7.76 -12.70 1.54
N GLN A 138 6.61 -13.07 2.10
CA GLN A 138 5.92 -12.22 3.08
C GLN A 138 6.77 -11.96 4.31
N TRP A 139 7.36 -13.02 4.83
CA TRP A 139 8.15 -12.93 6.03
C TRP A 139 9.48 -12.25 5.71
N GLY A 140 10.10 -12.68 4.62
CA GLY A 140 11.33 -12.09 4.14
C GLY A 140 11.29 -10.57 3.98
N SER A 141 10.27 -10.07 3.30
CA SER A 141 10.15 -8.63 3.11
C SER A 141 9.91 -7.89 4.44
N SER A 142 9.16 -8.48 5.36
CA SER A 142 8.98 -7.88 6.69
C SER A 142 10.28 -7.83 7.53
N VAL A 143 11.05 -8.90 7.49
CA VAL A 143 12.33 -8.92 8.22
C VAL A 143 13.30 -7.92 7.57
N ALA A 144 13.19 -7.78 6.25
CA ALA A 144 14.05 -6.86 5.50
C ALA A 144 13.82 -5.41 5.92
N LEU A 145 12.55 -5.02 6.04
CA LEU A 145 12.21 -3.68 6.52
C LEU A 145 12.67 -3.48 7.96
N ALA A 146 12.36 -4.43 8.83
CA ALA A 146 12.74 -4.33 10.24
C ALA A 146 14.26 -4.22 10.38
N SER A 147 14.96 -4.95 9.54
CA SER A 147 16.42 -4.94 9.57
C SER A 147 16.94 -3.58 9.15
N ALA A 148 16.38 -3.03 8.07
CA ALA A 148 16.78 -1.71 7.60
C ALA A 148 16.55 -0.65 8.66
N LEU A 149 15.44 -0.75 9.41
CA LEU A 149 15.09 0.30 10.33
C LEU A 149 15.97 0.23 11.59
N PHE A 150 16.62 -0.92 11.78
CA PHE A 150 17.54 -1.05 12.92
C PHE A 150 18.99 -1.03 12.47
N ARG A 151 19.18 -0.73 11.19
CA ARG A 151 20.51 -0.74 10.58
C ARG A 151 21.18 -2.07 10.83
N MET A 152 20.41 -3.13 10.65
CA MET A 152 20.92 -4.48 10.84
C MET A 152 21.08 -5.17 9.49
N LYS A 153 22.25 -5.74 9.25
CA LYS A 153 22.48 -6.55 8.07
C LYS A 153 21.49 -7.74 8.06
N ALA A 154 20.76 -7.92 6.95
CA ALA A 154 19.87 -9.08 6.84
C ALA A 154 20.28 -9.99 5.68
N HIS A 155 20.43 -11.28 5.98
CA HIS A 155 20.65 -12.31 4.96
C HIS A 155 19.40 -13.17 4.88
N ILE A 156 18.67 -13.07 3.78
CA ILE A 156 17.42 -13.80 3.65
C ILE A 156 17.60 -14.99 2.70
N PHE A 157 17.23 -16.17 3.18
CA PHE A 157 17.39 -17.38 2.41
C PHE A 157 16.05 -17.77 1.80
N MET A 158 15.94 -17.59 0.50
CA MET A 158 14.65 -17.75 -0.20
C MET A 158 14.64 -19.03 -1.03
N VAL A 159 13.64 -19.88 -0.82
CA VAL A 159 13.48 -21.09 -1.64
C VAL A 159 13.72 -20.76 -3.10
N ARG A 160 14.73 -21.39 -3.69
CA ARG A 160 15.20 -21.04 -5.03
C ARG A 160 14.07 -20.96 -6.06
N THR A 161 13.17 -21.93 -6.00
CA THR A 161 11.99 -21.92 -6.87
C THR A 161 11.25 -20.57 -6.78
N SER A 162 10.83 -20.21 -5.56
CA SER A 162 10.12 -18.94 -5.33
C SER A 162 10.96 -17.71 -5.68
N TYR A 163 12.27 -17.81 -5.43
CA TYR A 163 13.23 -16.77 -5.77
C TYR A 163 13.03 -16.27 -7.22
N TYR A 164 12.78 -17.20 -8.13
CA TYR A 164 12.58 -16.84 -9.53
C TYR A 164 11.13 -16.67 -9.89
N ALA A 165 10.28 -17.49 -9.28
CA ALA A 165 8.85 -17.53 -9.54
C ALA A 165 8.11 -16.28 -9.04
N LYS A 166 8.42 -15.85 -7.81
CA LYS A 166 7.71 -14.73 -7.20
C LYS A 166 8.65 -13.57 -6.88
N PRO A 167 9.19 -12.93 -7.93
CA PRO A 167 10.27 -11.94 -7.88
C PRO A 167 9.95 -10.61 -7.19
N TYR A 168 8.72 -10.12 -7.25
CA TYR A 168 8.44 -8.77 -6.76
C TYR A 168 8.78 -8.61 -5.28
N ARG A 169 8.50 -9.65 -4.50
CA ARG A 169 8.81 -9.56 -3.08
C ARG A 169 10.30 -9.71 -2.84
N LYS A 170 10.98 -10.46 -3.71
CA LYS A 170 12.44 -10.43 -3.70
C LYS A 170 12.93 -9.00 -3.95
N TYR A 171 12.36 -8.35 -4.96
CA TYR A 171 12.73 -6.97 -5.27
C TYR A 171 12.47 -6.04 -4.09
N MET A 172 11.38 -6.30 -3.37
CA MET A 172 11.04 -5.48 -2.22
C MET A 172 12.11 -5.62 -1.13
N MET A 173 12.49 -6.86 -0.84
CA MET A 173 13.56 -7.15 0.12
C MET A 173 14.86 -6.44 -0.27
N GLN A 174 15.13 -6.42 -1.57
CA GLN A 174 16.34 -5.78 -2.08
C GLN A 174 16.28 -4.25 -1.99
N MET A 175 15.10 -3.65 -2.18
CA MET A 175 14.96 -2.20 -1.98
C MET A 175 15.23 -1.82 -0.53
N TYR A 176 14.88 -2.71 0.38
CA TYR A 176 15.12 -2.49 1.80
C TYR A 176 16.56 -2.79 2.17
N GLY A 177 17.33 -3.26 1.20
CA GLY A 177 18.76 -3.45 1.40
C GLY A 177 19.19 -4.79 1.97
N ALA A 178 18.27 -5.76 1.96
CA ALA A 178 18.57 -7.10 2.44
C ALA A 178 19.35 -7.89 1.39
N GLU A 179 20.27 -8.77 1.82
CA GLU A 179 20.87 -9.68 0.86
C GLU A 179 19.95 -10.91 0.73
N VAL A 180 19.52 -11.22 -0.49
CA VAL A 180 18.63 -12.37 -0.73
C VAL A 180 19.38 -13.52 -1.41
N HIS A 181 19.36 -14.69 -0.79
CA HIS A 181 20.09 -15.87 -1.28
C HIS A 181 19.15 -16.98 -1.72
N PRO A 182 19.24 -17.41 -2.99
CA PRO A 182 18.49 -18.59 -3.40
C PRO A 182 18.98 -19.81 -2.62
N SER A 183 18.05 -20.63 -2.13
CA SER A 183 18.37 -21.75 -1.27
C SER A 183 17.88 -23.05 -1.89
N PRO A 184 18.67 -24.14 -1.75
CA PRO A 184 19.94 -24.23 -1.01
C PRO A 184 21.04 -23.34 -1.56
N SER A 185 21.82 -22.71 -0.68
CA SER A 185 22.84 -21.77 -1.12
C SER A 185 24.25 -22.34 -0.96
N ASP A 186 25.20 -21.81 -1.74
CA ASP A 186 26.57 -22.26 -1.64
C ASP A 186 27.29 -21.61 -0.45
N LEU A 187 26.55 -20.82 0.33
CA LEU A 187 27.15 -20.10 1.46
C LEU A 187 27.27 -20.96 2.72
N THR A 188 26.70 -22.16 2.67
CA THR A 188 26.73 -23.06 3.82
C THR A 188 27.12 -24.48 3.40
N GLU A 189 27.65 -25.27 4.33
CA GLU A 189 27.98 -26.66 4.05
C GLU A 189 26.75 -27.47 3.68
N PHE A 190 25.66 -27.28 4.42
CA PHE A 190 24.44 -28.02 4.17
C PHE A 190 23.86 -27.68 2.81
N GLY A 191 24.15 -26.46 2.35
CA GLY A 191 23.63 -25.96 1.09
C GLY A 191 24.49 -26.45 -0.05
N ARG A 192 25.80 -26.39 0.13
CA ARG A 192 26.72 -26.86 -0.90
C ARG A 192 26.53 -28.36 -1.13
N GLN A 193 26.25 -29.10 -0.07
CA GLN A 193 26.07 -30.55 -0.19
C GLN A 193 24.83 -30.89 -1.03
N LEU A 194 23.84 -30.02 -1.04
CA LEU A 194 22.64 -30.26 -1.86
C LEU A 194 22.88 -29.83 -3.29
N LEU A 195 23.64 -28.75 -3.47
CA LEU A 195 23.96 -28.23 -4.79
C LEU A 195 24.85 -29.19 -5.58
N ALA A 196 25.61 -30.01 -4.86
CA ALA A 196 26.40 -31.07 -5.47
C ALA A 196 25.51 -32.23 -5.97
N LYS A 197 24.29 -32.31 -5.45
CA LYS A 197 23.27 -33.24 -5.95
C LYS A 197 22.52 -32.66 -7.15
N ASP A 198 22.27 -31.36 -7.10
CA ASP A 198 21.51 -30.65 -8.13
C ASP A 198 21.91 -29.17 -8.09
N SER A 199 22.69 -28.76 -9.07
CA SER A 199 23.23 -27.40 -9.14
C SER A 199 22.12 -26.35 -9.21
N ASN A 200 20.92 -26.78 -9.57
CA ASN A 200 19.76 -25.89 -9.57
C ASN A 200 18.68 -26.43 -8.66
N HIS A 201 19.10 -27.00 -7.54
CA HIS A 201 18.19 -27.59 -6.56
C HIS A 201 17.01 -26.66 -6.23
N PRO A 202 15.79 -27.11 -6.51
CA PRO A 202 14.56 -26.30 -6.37
C PRO A 202 14.40 -25.72 -4.97
N GLY A 203 14.82 -26.47 -3.96
CA GLY A 203 14.77 -26.02 -2.59
C GLY A 203 13.43 -26.28 -1.93
N SER A 204 13.43 -26.11 -0.61
CA SER A 204 12.21 -26.19 0.18
C SER A 204 12.31 -25.24 1.36
N LEU A 205 11.17 -24.98 1.99
CA LEU A 205 11.10 -24.14 3.18
C LEU A 205 11.99 -24.73 4.28
N GLY A 206 11.90 -26.05 4.45
CA GLY A 206 12.77 -26.75 5.39
C GLY A 206 14.24 -26.53 5.08
N ILE A 207 14.61 -26.70 3.82
CA ILE A 207 16.00 -26.49 3.39
C ILE A 207 16.46 -25.07 3.68
N ALA A 208 15.60 -24.09 3.47
CA ALA A 208 15.96 -22.69 3.69
C ALA A 208 16.09 -22.37 5.19
N ILE A 209 15.35 -23.07 6.02
CA ILE A 209 15.50 -22.88 7.46
C ILE A 209 16.87 -23.39 7.87
N SER A 210 17.23 -24.56 7.37
CA SER A 210 18.53 -25.13 7.69
C SER A 210 19.65 -24.24 7.17
N ASP A 211 19.49 -23.74 5.95
CA ASP A 211 20.44 -22.78 5.38
C ASP A 211 20.62 -21.55 6.27
N ALA A 212 19.52 -20.92 6.66
CA ALA A 212 19.60 -19.65 7.40
C ALA A 212 20.22 -19.86 8.78
N VAL A 213 19.87 -20.99 9.38
CA VAL A 213 20.34 -21.34 10.71
C VAL A 213 21.83 -21.61 10.72
N GLU A 214 22.30 -22.41 9.76
CA GLU A 214 23.72 -22.74 9.67
C GLU A 214 24.55 -21.48 9.44
N TYR A 215 24.01 -20.54 8.66
CA TYR A 215 24.77 -19.36 8.29
C TYR A 215 24.93 -18.41 9.50
N ALA A 216 23.88 -18.30 10.32
CA ALA A 216 23.94 -17.51 11.55
C ALA A 216 24.89 -18.16 12.56
N HIS A 217 24.65 -19.44 12.83
CA HIS A 217 25.49 -20.28 13.68
C HIS A 217 26.99 -20.16 13.37
N LYS A 218 27.34 -20.20 12.09
CA LYS A 218 28.75 -20.25 11.65
C LYS A 218 29.41 -18.88 11.49
N ASN A 219 28.61 -17.82 11.52
CA ASN A 219 29.16 -16.51 11.21
C ASN A 219 28.85 -15.48 12.27
N GLY A 220 28.42 -15.93 13.45
CA GLY A 220 28.12 -15.03 14.54
C GLY A 220 26.90 -14.16 14.31
N GLY A 221 25.90 -14.72 13.64
CA GLY A 221 24.66 -13.99 13.41
C GLY A 221 23.55 -14.59 14.24
N LYS A 222 22.33 -14.05 14.10
CA LYS A 222 21.18 -14.61 14.79
C LYS A 222 20.10 -14.94 13.77
N TYR A 223 19.30 -15.95 14.10
CA TYR A 223 18.19 -16.41 13.27
C TYR A 223 16.87 -15.83 13.77
N VAL A 224 16.10 -15.27 12.86
CA VAL A 224 14.83 -14.64 13.20
C VAL A 224 13.73 -15.64 12.87
N VAL A 225 13.06 -16.16 13.89
CA VAL A 225 12.04 -17.18 13.70
C VAL A 225 10.67 -16.59 13.37
N GLY A 226 10.13 -16.97 12.22
CA GLY A 226 8.79 -16.60 11.84
C GLY A 226 7.91 -17.83 11.94
N SER A 227 7.44 -18.14 13.15
CA SER A 227 6.66 -19.35 13.38
C SER A 227 5.47 -19.10 14.30
N VAL A 228 4.97 -20.16 14.90
CA VAL A 228 3.78 -20.07 15.73
C VAL A 228 4.17 -20.12 17.20
N VAL A 229 5.43 -19.80 17.47
CA VAL A 229 5.92 -19.76 18.85
C VAL A 229 5.21 -18.63 19.59
N ASN A 230 5.13 -18.78 20.92
CA ASN A 230 4.30 -17.89 21.73
C ASN A 230 4.80 -16.45 21.72
N SER A 231 6.12 -16.28 21.55
CA SER A 231 6.70 -14.93 21.50
C SER A 231 6.19 -14.16 20.28
N ASP A 232 6.15 -14.83 19.15
CA ASP A 232 5.76 -14.22 17.89
C ASP A 232 4.33 -13.70 17.99
N ILE A 233 3.41 -14.55 18.44
CA ILE A 233 2.05 -14.12 18.67
C ILE A 233 1.97 -12.95 19.65
N MET A 234 2.75 -13.02 20.74
CA MET A 234 2.76 -11.92 21.69
C MET A 234 3.14 -10.59 21.04
N PHE A 235 4.18 -10.58 20.19
CA PHE A 235 4.62 -9.34 19.57
C PHE A 235 3.53 -8.76 18.66
N LYS A 236 2.74 -9.62 18.04
CA LYS A 236 1.75 -9.14 17.08
C LYS A 236 0.51 -8.56 17.76
N THR A 237 0.36 -8.81 19.06
CA THR A 237 -0.84 -8.39 19.79
C THR A 237 -0.94 -6.88 19.91
N ILE A 238 0.06 -6.15 19.41
CA ILE A 238 -0.04 -4.70 19.36
C ILE A 238 -1.28 -4.31 18.51
N ALA A 239 -1.62 -5.16 17.55
CA ALA A 239 -2.80 -4.92 16.72
C ALA A 239 -4.05 -5.00 17.59
N GLY A 240 -4.13 -6.00 18.46
CA GLY A 240 -5.31 -6.17 19.31
C GLY A 240 -5.37 -5.12 20.41
N MET A 241 -4.21 -4.78 20.96
CA MET A 241 -4.14 -3.71 21.95
C MET A 241 -4.67 -2.40 21.35
N GLU A 242 -4.24 -2.07 20.14
CA GLU A 242 -4.72 -0.87 19.48
C GLU A 242 -6.23 -0.96 19.25
N ALA A 243 -6.67 -2.09 18.72
CA ALA A 243 -8.06 -2.26 18.28
C ALA A 243 -9.04 -2.15 19.47
N LYS A 244 -8.59 -2.63 20.62
CA LYS A 244 -9.39 -2.56 21.82
C LYS A 244 -9.64 -1.11 22.16
N LYS A 245 -8.57 -0.32 22.12
CA LYS A 245 -8.63 1.12 22.37
C LYS A 245 -9.50 1.86 21.34
N GLN A 246 -9.33 1.57 20.06
CA GLN A 246 -10.15 2.17 19.01
C GLN A 246 -11.64 1.90 19.18
N MET A 247 -11.99 0.65 19.45
CA MET A 247 -13.40 0.27 19.56
C MET A 247 -14.00 0.94 20.79
N GLU A 248 -13.26 0.96 21.90
CA GLU A 248 -13.78 1.59 23.12
C GLU A 248 -13.91 3.10 22.91
N LEU A 249 -13.07 3.64 22.02
CA LEU A 249 -13.17 5.04 21.63
C LEU A 249 -14.51 5.44 20.98
N ILE A 250 -15.04 4.57 20.12
CA ILE A 250 -16.32 4.84 19.44
C ILE A 250 -17.46 4.10 20.14
N GLY A 251 -17.13 3.56 21.32
CA GLY A 251 -18.09 2.86 22.15
C GLY A 251 -18.75 1.63 21.54
N GLU A 252 -18.05 0.93 20.62
CA GLU A 252 -18.59 -0.30 20.08
C GLU A 252 -17.89 -1.53 20.65
N ASP A 253 -18.67 -2.46 21.17
CA ASP A 253 -18.13 -3.73 21.65
C ASP A 253 -18.50 -4.83 20.66
N PRO A 254 -17.48 -5.45 20.03
CA PRO A 254 -17.76 -6.47 19.00
C PRO A 254 -18.43 -7.71 19.60
N ASP A 255 -19.34 -8.28 18.83
CA ASP A 255 -20.05 -9.50 19.19
C ASP A 255 -19.33 -10.70 18.58
N TYR A 256 -18.68 -10.45 17.45
CA TYR A 256 -17.84 -11.42 16.75
C TYR A 256 -16.47 -10.85 16.51
N ILE A 257 -15.45 -11.68 16.70
CA ILE A 257 -14.13 -11.36 16.18
C ILE A 257 -13.66 -12.50 15.29
N ILE A 258 -13.30 -12.16 14.06
CA ILE A 258 -12.99 -13.16 13.06
C ILE A 258 -11.69 -12.83 12.30
N GLY A 259 -11.12 -13.86 11.70
CA GLY A 259 -9.91 -13.68 10.91
C GLY A 259 -9.49 -15.00 10.33
N VAL A 260 -8.35 -15.02 9.64
CA VAL A 260 -7.88 -16.25 9.04
C VAL A 260 -6.64 -16.82 9.75
N VAL A 261 -6.41 -18.11 9.53
CA VAL A 261 -5.29 -18.82 10.15
C VAL A 261 -4.32 -19.37 9.12
N GLY A 262 -3.15 -18.74 9.03
CA GLY A 262 -2.01 -19.36 8.36
C GLY A 262 -1.47 -20.28 9.44
N GLY A 263 -0.75 -19.70 10.38
CA GLY A 263 -0.39 -20.38 11.61
C GLY A 263 -1.30 -19.90 12.73
N GLY A 264 -2.00 -18.78 12.49
CA GLY A 264 -2.91 -18.27 13.50
C GLY A 264 -2.47 -16.98 14.21
N SER A 265 -1.23 -16.57 13.98
CA SER A 265 -0.67 -15.41 14.69
C SER A 265 -1.44 -14.11 14.44
N ASN A 266 -1.86 -13.86 13.21
CA ASN A 266 -2.59 -12.62 12.96
C ASN A 266 -3.93 -12.60 13.67
N TYR A 267 -4.61 -13.75 13.69
CA TYR A 267 -5.93 -13.80 14.33
C TYR A 267 -5.82 -13.68 15.84
N ALA A 268 -4.98 -14.52 16.42
CA ALA A 268 -4.73 -14.43 17.84
C ALA A 268 -4.36 -13.00 18.20
N ALA A 269 -3.50 -12.39 17.39
CA ALA A 269 -2.99 -11.06 17.70
C ALA A 269 -4.10 -10.06 17.87
N LEU A 270 -5.16 -10.20 17.08
CA LEU A 270 -6.31 -9.33 17.18
C LEU A 270 -7.19 -9.73 18.35
N ALA A 271 -7.49 -11.02 18.42
CA ALA A 271 -8.53 -11.51 19.32
C ALA A 271 -8.07 -11.66 20.76
N TYR A 272 -6.82 -12.00 20.99
CA TYR A 272 -6.46 -12.39 22.35
C TYR A 272 -6.69 -11.30 23.40
N PRO A 273 -6.37 -10.03 23.10
CA PRO A 273 -6.60 -8.99 24.13
C PRO A 273 -8.07 -8.86 24.50
N PHE A 274 -8.96 -9.11 23.54
CA PHE A 274 -10.38 -9.12 23.83
C PHE A 274 -10.73 -10.38 24.62
N LEU A 275 -10.18 -11.51 24.19
CA LEU A 275 -10.52 -12.80 24.81
C LEU A 275 -9.98 -12.85 26.23
N GLY A 276 -8.83 -12.22 26.43
CA GLY A 276 -8.23 -12.13 27.76
C GLY A 276 -9.16 -11.50 28.79
N ASP A 277 -9.78 -10.38 28.44
CA ASP A 277 -10.71 -9.71 29.34
C ASP A 277 -11.79 -10.70 29.77
N GLU A 278 -12.35 -11.40 28.79
CA GLU A 278 -13.46 -12.32 29.04
C GLU A 278 -13.07 -13.48 29.93
N LEU A 279 -11.97 -14.14 29.59
CA LEU A 279 -11.47 -15.28 30.37
C LEU A 279 -11.24 -14.87 31.82
N ARG A 280 -10.72 -13.66 32.05
CA ARG A 280 -10.50 -13.19 33.40
C ARG A 280 -11.83 -12.89 34.14
N SER A 281 -12.87 -12.52 33.40
CA SER A 281 -14.20 -12.36 34.01
C SER A 281 -14.89 -13.71 34.23
N GLY A 282 -14.37 -14.77 33.60
CA GLY A 282 -14.87 -16.12 33.83
C GLY A 282 -15.91 -16.60 32.84
N LYS A 283 -16.34 -15.70 31.96
CA LYS A 283 -17.47 -15.99 31.07
C LYS A 283 -17.20 -15.47 29.66
N VAL A 284 -17.19 -16.35 28.68
CA VAL A 284 -16.94 -15.95 27.29
C VAL A 284 -18.25 -15.66 26.57
N ARG A 285 -18.49 -14.37 26.31
CA ARG A 285 -19.71 -13.90 25.68
C ARG A 285 -19.60 -13.70 24.17
N ARG A 286 -18.46 -13.21 23.70
CA ARG A 286 -18.25 -13.02 22.27
C ARG A 286 -18.12 -14.33 21.51
N LYS A 287 -18.42 -14.28 20.22
CA LYS A 287 -18.19 -15.39 19.32
C LYS A 287 -16.86 -15.12 18.60
N TYR A 288 -15.95 -16.11 18.64
CA TYR A 288 -14.65 -16.06 18.01
C TYR A 288 -14.64 -17.10 16.88
N ILE A 289 -14.33 -16.66 15.68
CA ILE A 289 -14.41 -17.55 14.51
C ILE A 289 -13.21 -17.27 13.62
N ALA A 290 -12.43 -18.31 13.38
CA ALA A 290 -11.27 -18.19 12.50
C ALA A 290 -11.37 -19.23 11.39
N SER A 291 -10.84 -18.92 10.21
CA SER A 291 -11.00 -19.84 9.10
C SER A 291 -9.67 -20.06 8.42
N GLY A 292 -9.55 -21.18 7.73
CA GLY A 292 -8.41 -21.44 6.85
C GLY A 292 -8.95 -21.89 5.51
N SER A 293 -8.08 -22.51 4.72
CA SER A 293 -8.46 -23.04 3.42
C SER A 293 -8.79 -24.53 3.51
N SER A 294 -9.87 -24.94 2.86
CA SER A 294 -10.24 -26.35 2.85
C SER A 294 -9.23 -27.17 2.04
N GLU A 295 -8.39 -26.49 1.25
CA GLU A 295 -7.33 -27.19 0.51
C GLU A 295 -6.19 -27.57 1.46
N VAL A 296 -6.14 -26.91 2.61
CA VAL A 296 -5.15 -27.19 3.64
C VAL A 296 -5.84 -27.16 5.00
N PRO A 297 -6.69 -28.17 5.27
CA PRO A 297 -7.74 -28.10 6.30
C PRO A 297 -7.30 -28.42 7.72
N LYS A 298 -6.19 -27.86 8.21
CA LYS A 298 -5.78 -28.14 9.58
C LYS A 298 -6.78 -27.58 10.58
N MET A 299 -7.57 -26.58 10.18
CA MET A 299 -8.54 -25.98 11.09
C MET A 299 -9.69 -26.93 11.42
N THR A 300 -10.22 -27.57 10.38
CA THR A 300 -11.42 -28.36 10.53
C THR A 300 -11.11 -29.86 10.51
N LYS A 301 -9.98 -30.22 9.92
CA LYS A 301 -9.60 -31.62 9.81
C LYS A 301 -8.19 -31.90 10.34
N GLY A 302 -7.74 -31.05 11.26
CA GLY A 302 -6.46 -31.26 11.91
C GLY A 302 -6.51 -32.28 13.04
N VAL A 303 -5.38 -32.96 13.24
CA VAL A 303 -5.22 -33.85 14.38
C VAL A 303 -4.61 -33.02 15.49
N TYR A 304 -5.14 -33.09 16.70
CA TYR A 304 -4.57 -32.33 17.79
C TYR A 304 -3.49 -33.16 18.47
N LYS A 305 -2.24 -32.79 18.28
CA LYS A 305 -1.12 -33.59 18.76
C LYS A 305 0.18 -32.85 18.70
N TYR A 306 1.20 -33.38 19.39
CA TYR A 306 2.55 -32.84 19.30
C TYR A 306 3.05 -33.07 17.89
N ASP A 307 3.64 -32.02 17.32
CA ASP A 307 4.16 -32.07 15.96
C ASP A 307 5.20 -30.97 15.74
N TYR A 308 6.02 -31.14 14.70
CA TYR A 308 7.04 -30.15 14.38
C TYR A 308 6.44 -28.85 13.87
N PRO A 309 6.79 -27.73 14.51
CA PRO A 309 6.32 -26.43 14.01
C PRO A 309 7.00 -26.02 12.71
N ASP A 310 8.12 -26.66 12.35
CA ASP A 310 8.76 -26.34 11.07
C ASP A 310 9.23 -27.60 10.34
N THR A 311 9.39 -27.46 9.03
CA THR A 311 9.81 -28.54 8.14
C THR A 311 11.26 -28.98 8.37
N ALA A 312 12.07 -28.10 8.93
CA ALA A 312 13.48 -28.39 9.18
C ALA A 312 13.65 -29.30 10.38
N LYS A 313 12.56 -29.48 11.13
CA LYS A 313 12.60 -30.19 12.41
C LYS A 313 13.57 -29.48 13.34
N LEU A 314 13.66 -28.16 13.18
CA LEU A 314 14.60 -27.35 13.95
C LEU A 314 14.12 -27.12 15.36
N LEU A 315 12.90 -26.60 15.48
CA LEU A 315 12.31 -26.34 16.78
C LEU A 315 11.72 -27.62 17.33
N PRO A 316 11.59 -27.68 18.65
CA PRO A 316 10.98 -28.83 19.33
C PRO A 316 9.50 -28.94 18.97
N MET A 317 8.91 -30.12 19.11
CA MET A 317 7.50 -30.30 18.79
C MET A 317 6.60 -29.49 19.74
N LEU A 318 5.48 -29.01 19.19
CA LEU A 318 4.47 -28.26 19.94
C LEU A 318 3.14 -28.99 19.81
N LYS A 319 2.24 -28.84 20.78
CA LYS A 319 0.97 -29.53 20.66
C LYS A 319 -0.02 -28.64 19.91
N MET A 320 -0.45 -29.09 18.75
CA MET A 320 -1.20 -28.23 17.86
C MET A 320 -2.05 -29.04 16.95
N TYR A 321 -3.09 -28.41 16.40
CA TYR A 321 -3.82 -28.98 15.28
C TYR A 321 -2.90 -29.00 14.08
N THR A 322 -2.78 -30.17 13.46
CA THR A 322 -1.84 -30.35 12.35
C THR A 322 -2.36 -31.38 11.38
N ILE A 323 -2.04 -31.17 10.10
CA ILE A 323 -2.25 -32.20 9.10
C ILE A 323 -0.88 -32.73 8.65
N GLY A 324 0.12 -32.53 9.49
CA GLY A 324 1.43 -33.12 9.27
C GLY A 324 2.38 -32.16 8.60
N SER A 325 3.62 -32.13 9.09
CA SER A 325 4.59 -31.17 8.59
C SER A 325 5.05 -31.47 7.15
N ASP A 326 4.65 -32.62 6.60
CA ASP A 326 5.03 -32.98 5.24
C ASP A 326 3.91 -32.76 4.22
N PHE A 327 2.73 -32.37 4.73
CA PHE A 327 1.62 -31.98 3.87
C PHE A 327 2.04 -30.96 2.82
N VAL A 328 1.74 -31.25 1.56
CA VAL A 328 1.91 -30.25 0.51
C VAL A 328 0.57 -30.02 -0.19
N PRO A 329 0.21 -28.76 -0.43
CA PRO A 329 -1.05 -28.43 -1.12
C PRO A 329 -0.99 -28.74 -2.61
N PRO A 330 -2.16 -28.98 -3.23
CA PRO A 330 -2.24 -29.13 -4.69
C PRO A 330 -1.65 -27.90 -5.37
N PRO A 331 -0.97 -28.08 -6.52
CA PRO A 331 -0.32 -26.95 -7.22
C PRO A 331 -1.30 -25.90 -7.72
N VAL A 332 -2.60 -26.21 -7.72
CA VAL A 332 -3.61 -25.22 -8.08
C VAL A 332 -3.82 -24.21 -6.97
N TYR A 333 -3.52 -24.62 -5.73
CA TYR A 333 -3.76 -23.75 -4.58
C TYR A 333 -2.97 -22.45 -4.65
N ALA A 334 -3.69 -21.35 -4.65
CA ALA A 334 -3.10 -20.02 -4.69
C ALA A 334 -3.59 -19.20 -3.50
N GLY A 335 -4.17 -19.88 -2.53
CA GLY A 335 -4.87 -19.24 -1.42
C GLY A 335 -3.94 -18.70 -0.36
N GLY A 336 -2.71 -19.23 -0.32
CA GLY A 336 -1.68 -18.66 0.53
C GLY A 336 -1.65 -19.13 1.99
N LEU A 337 -2.64 -19.91 2.42
CA LEU A 337 -2.63 -20.38 3.81
C LEU A 337 -2.04 -21.79 3.91
N ARG A 338 -0.79 -21.93 3.44
CA ARG A 338 -0.20 -23.25 3.17
C ARG A 338 0.26 -23.99 4.41
N TYR A 339 0.48 -23.26 5.51
CA TYR A 339 1.07 -23.83 6.71
C TYR A 339 0.22 -25.01 7.30
N HIS A 340 0.90 -26.01 7.89
CA HIS A 340 0.24 -27.29 8.26
C HIS A 340 -0.36 -27.32 9.64
N GLY A 341 -0.07 -26.30 10.44
CA GLY A 341 -0.50 -26.36 11.83
C GLY A 341 -1.11 -25.10 12.34
N VAL A 342 -1.61 -25.17 13.57
CA VAL A 342 -2.17 -24.02 14.25
C VAL A 342 -1.37 -23.77 15.51
N ALA A 343 -1.12 -22.50 15.82
CA ALA A 343 -0.44 -22.14 17.06
C ALA A 343 -1.06 -22.87 18.25
N PRO A 344 -0.19 -23.36 19.16
CA PRO A 344 -0.60 -24.13 20.33
C PRO A 344 -1.66 -23.46 21.20
N THR A 345 -1.58 -22.15 21.38
CA THR A 345 -2.57 -21.50 22.24
C THR A 345 -3.91 -21.48 21.56
N LEU A 346 -3.88 -21.25 20.26
CA LEU A 346 -5.13 -21.18 19.48
C LEU A 346 -5.75 -22.56 19.39
N SER A 347 -4.90 -23.57 19.17
CA SER A 347 -5.35 -24.96 19.15
C SER A 347 -6.02 -25.36 20.46
N LEU A 348 -5.45 -24.91 21.58
CA LEU A 348 -6.06 -25.19 22.88
C LEU A 348 -7.43 -24.56 22.97
N LEU A 349 -7.51 -23.29 22.58
CA LEU A 349 -8.77 -22.59 22.54
C LEU A 349 -9.80 -23.27 21.62
N ILE A 350 -9.38 -23.72 20.45
CA ILE A 350 -10.32 -24.42 19.57
C ILE A 350 -10.84 -25.74 20.17
N SER A 351 -9.96 -26.46 20.89
CA SER A 351 -10.34 -27.76 21.45
C SER A 351 -11.31 -27.58 22.63
N LYS A 352 -11.24 -26.42 23.29
CA LYS A 352 -12.15 -26.09 24.36
C LYS A 352 -13.48 -25.47 23.87
N GLY A 353 -13.63 -25.35 22.56
CA GLY A 353 -14.85 -24.78 22.00
C GLY A 353 -14.94 -23.26 22.09
N ILE A 354 -13.84 -22.61 22.47
CA ILE A 354 -13.85 -21.18 22.70
C ILE A 354 -13.73 -20.40 21.38
N VAL A 355 -12.85 -20.86 20.51
CA VAL A 355 -12.75 -20.36 19.15
C VAL A 355 -13.33 -21.40 18.19
N GLN A 356 -14.25 -20.96 17.32
CA GLN A 356 -14.87 -21.83 16.31
C GLN A 356 -14.05 -21.89 15.01
N ALA A 357 -13.90 -23.09 14.45
CA ALA A 357 -13.14 -23.25 13.21
C ALA A 357 -14.00 -23.35 11.93
N ARG A 358 -13.50 -22.76 10.85
CA ARG A 358 -14.18 -22.82 9.56
C ARG A 358 -13.11 -22.97 8.47
N ASP A 359 -13.48 -23.55 7.33
CA ASP A 359 -12.57 -23.67 6.21
C ASP A 359 -13.36 -23.37 4.94
N TYR A 360 -12.75 -22.65 4.00
CA TYR A 360 -13.40 -22.40 2.73
C TYR A 360 -12.45 -22.64 1.56
N SER A 361 -13.03 -23.02 0.43
CA SER A 361 -12.29 -23.23 -0.81
C SER A 361 -11.75 -21.92 -1.34
N GLN A 362 -10.73 -21.97 -2.19
CA GLN A 362 -10.19 -20.73 -2.73
C GLN A 362 -11.15 -20.11 -3.75
N GLU A 363 -11.91 -20.94 -4.46
CA GLU A 363 -12.94 -20.42 -5.37
C GLU A 363 -13.97 -19.60 -4.60
N GLU A 364 -14.43 -20.12 -3.46
CA GLU A 364 -15.38 -19.37 -2.64
C GLU A 364 -14.75 -18.09 -2.08
N SER A 365 -13.54 -18.21 -1.53
CA SER A 365 -12.89 -17.05 -0.91
C SER A 365 -12.57 -15.95 -1.92
N PHE A 366 -12.06 -16.34 -3.08
CA PHE A 366 -11.66 -15.38 -4.10
C PHE A 366 -12.88 -14.65 -4.70
N LYS A 367 -14.00 -15.36 -4.77
CA LYS A 367 -15.25 -14.73 -5.19
C LYS A 367 -15.55 -13.58 -4.24
N TRP A 368 -15.41 -13.84 -2.94
CA TRP A 368 -15.65 -12.78 -1.96
C TRP A 368 -14.61 -11.67 -2.06
N ALA A 369 -13.36 -12.02 -2.33
CA ALA A 369 -12.31 -11.01 -2.55
C ALA A 369 -12.72 -10.03 -3.65
N LYS A 370 -13.13 -10.60 -4.79
CA LYS A 370 -13.57 -9.81 -5.93
C LYS A 370 -14.73 -8.89 -5.54
N LEU A 371 -15.72 -9.45 -4.86
CA LEU A 371 -16.87 -8.70 -4.40
C LEU A 371 -16.41 -7.55 -3.49
N PHE A 372 -15.51 -7.85 -2.56
CA PHE A 372 -15.03 -6.84 -1.65
C PHE A 372 -14.27 -5.70 -2.37
N SER A 373 -13.43 -6.06 -3.34
CA SER A 373 -12.66 -5.07 -4.11
C SER A 373 -13.55 -4.06 -4.85
N GLU A 374 -14.64 -4.56 -5.44
CA GLU A 374 -15.58 -3.71 -6.20
C GLU A 374 -16.50 -2.88 -5.29
N LEU A 375 -16.79 -3.42 -4.12
CA LEU A 375 -17.68 -2.74 -3.18
C LEU A 375 -16.98 -1.71 -2.33
N GLU A 376 -15.90 -2.13 -1.67
CA GLU A 376 -15.23 -1.29 -0.68
C GLU A 376 -14.02 -0.58 -1.30
N GLY A 377 -13.41 -1.22 -2.28
CA GLY A 377 -12.39 -0.59 -3.11
C GLY A 377 -10.97 -0.96 -2.79
N TYR A 378 -10.80 -1.84 -1.81
CA TYR A 378 -9.49 -2.23 -1.32
C TYR A 378 -9.24 -3.71 -1.60
N ILE A 379 -8.17 -4.05 -2.31
CA ILE A 379 -7.94 -5.44 -2.65
C ILE A 379 -7.30 -6.21 -1.47
N PRO A 380 -8.03 -7.18 -0.93
CA PRO A 380 -7.48 -7.93 0.21
C PRO A 380 -6.44 -8.94 -0.22
N ALA A 381 -5.53 -9.30 0.67
CA ALA A 381 -4.64 -10.42 0.42
C ALA A 381 -5.48 -11.69 0.22
N PRO A 382 -5.00 -12.62 -0.61
CA PRO A 382 -5.71 -13.89 -0.77
C PRO A 382 -5.84 -14.61 0.56
N GLU A 383 -4.83 -14.51 1.42
CA GLU A 383 -4.95 -15.07 2.76
C GLU A 383 -6.17 -14.47 3.46
N THR A 384 -6.21 -13.14 3.52
CA THR A 384 -7.31 -12.42 4.19
C THR A 384 -8.70 -12.78 3.62
N SER A 385 -8.76 -13.11 2.33
CA SER A 385 -10.04 -13.33 1.69
C SER A 385 -10.82 -14.48 2.34
N HIS A 386 -10.11 -15.39 2.99
CA HIS A 386 -10.76 -16.54 3.61
C HIS A 386 -11.61 -16.17 4.83
N ALA A 387 -11.47 -14.95 5.34
CA ALA A 387 -12.35 -14.54 6.44
C ALA A 387 -13.75 -14.12 5.95
N LEU A 388 -13.81 -13.61 4.73
CA LEU A 388 -15.03 -12.97 4.21
C LEU A 388 -16.26 -13.87 4.16
N PRO A 389 -16.08 -15.15 3.80
CA PRO A 389 -17.25 -16.04 3.79
C PRO A 389 -17.93 -16.20 5.16
N ILE A 390 -17.18 -15.94 6.23
CA ILE A 390 -17.75 -15.99 7.58
C ILE A 390 -18.86 -14.94 7.74
N LEU A 391 -18.69 -13.79 7.11
CA LEU A 391 -19.65 -12.70 7.25
C LEU A 391 -21.07 -13.07 6.79
N ALA A 392 -21.18 -13.90 5.75
CA ALA A 392 -22.49 -14.38 5.31
C ALA A 392 -23.17 -15.19 6.41
N GLU A 393 -22.44 -16.11 7.00
CA GLU A 393 -22.93 -16.88 8.13
C GLU A 393 -23.37 -16.01 9.31
N ILE A 394 -22.61 -14.96 9.58
CA ILE A 394 -22.93 -14.08 10.70
C ILE A 394 -24.18 -13.24 10.40
N ALA A 395 -24.25 -12.70 9.19
CA ALA A 395 -25.43 -11.95 8.75
C ALA A 395 -26.75 -12.69 9.06
N GLU A 396 -26.79 -13.99 8.78
CA GLU A 396 -28.00 -14.78 9.00
C GLU A 396 -28.33 -14.91 10.49
N GLU A 397 -27.36 -15.27 11.30
CA GLU A 397 -27.62 -15.37 12.71
C GLU A 397 -28.06 -14.05 13.31
N ALA A 398 -27.46 -12.96 12.88
CA ALA A 398 -27.83 -11.63 13.35
C ALA A 398 -29.27 -11.30 12.99
N LYS A 399 -29.66 -11.73 11.81
CA LYS A 399 -31.00 -11.51 11.28
C LYS A 399 -32.04 -12.10 12.23
N LYS A 400 -31.67 -13.22 12.84
CA LYS A 400 -32.54 -13.93 13.75
C LYS A 400 -32.36 -13.42 15.18
N SER A 401 -31.62 -12.34 15.33
CA SER A 401 -31.37 -11.76 16.65
C SER A 401 -32.32 -10.61 16.97
N GLY A 402 -32.73 -9.86 15.96
CA GLY A 402 -33.50 -8.66 16.18
C GLY A 402 -32.58 -7.49 16.53
N GLU A 403 -31.32 -7.83 16.78
CA GLU A 403 -30.29 -6.86 17.09
C GLU A 403 -29.28 -6.76 15.94
N ARG A 404 -28.61 -5.62 15.83
CA ARG A 404 -27.51 -5.47 14.89
C ARG A 404 -26.22 -5.90 15.60
N LYS A 405 -25.60 -6.97 15.12
CA LYS A 405 -24.35 -7.49 15.70
C LYS A 405 -23.10 -6.79 15.12
N THR A 406 -22.12 -6.55 15.96
CA THR A 406 -20.89 -5.92 15.49
C THR A 406 -19.78 -6.94 15.20
N VAL A 407 -19.20 -6.90 14.01
CA VAL A 407 -18.11 -7.80 13.65
C VAL A 407 -16.80 -7.03 13.52
N LEU A 408 -15.79 -7.50 14.23
CA LEU A 408 -14.43 -6.98 14.12
C LEU A 408 -13.56 -8.01 13.37
N VAL A 409 -12.97 -7.60 12.25
CA VAL A 409 -12.20 -8.48 11.37
C VAL A 409 -10.73 -8.13 11.36
N SER A 410 -9.89 -9.15 11.45
CA SER A 410 -8.48 -8.97 11.23
C SER A 410 -8.17 -8.91 9.74
N PHE A 411 -7.96 -7.70 9.23
CA PHE A 411 -7.75 -7.52 7.81
C PHE A 411 -6.22 -7.53 7.62
N SER A 412 -5.70 -8.74 7.41
CA SER A 412 -4.31 -9.03 7.74
C SER A 412 -3.35 -8.46 6.72
N GLY A 413 -3.83 -8.22 5.50
CA GLY A 413 -2.94 -7.67 4.48
C GLY A 413 -3.66 -7.26 3.20
N HIS A 414 -2.96 -6.53 2.33
CA HIS A 414 -3.57 -6.24 1.03
C HIS A 414 -2.98 -7.18 0.00
N GLY A 415 -3.57 -7.20 -1.18
CA GLY A 415 -3.20 -8.21 -2.14
C GLY A 415 -2.48 -7.72 -3.38
N LEU A 416 -2.00 -6.50 -3.34
CA LEU A 416 -1.30 -5.91 -4.51
C LEU A 416 -0.16 -6.78 -5.02
N LEU A 417 0.63 -7.36 -4.12
CA LEU A 417 1.71 -8.23 -4.54
C LEU A 417 1.26 -9.68 -4.76
N ASP A 418 -0.04 -9.93 -4.58
CA ASP A 418 -0.59 -11.26 -4.81
C ASP A 418 -1.59 -11.28 -5.97
N LEU A 419 -1.54 -10.26 -6.81
CA LEU A 419 -2.51 -10.14 -7.89
C LEU A 419 -2.35 -11.25 -8.91
N GLY A 420 -1.15 -11.83 -8.97
CA GLY A 420 -0.90 -12.94 -9.85
C GLY A 420 -1.63 -14.18 -9.37
N ASN A 421 -1.65 -14.38 -8.06
CA ASN A 421 -2.46 -15.45 -7.46
C ASN A 421 -3.93 -15.35 -7.82
N TYR A 422 -4.50 -14.16 -7.68
CA TYR A 422 -5.91 -13.95 -8.00
C TYR A 422 -6.14 -14.24 -9.47
N ALA A 423 -5.23 -13.75 -10.30
CA ALA A 423 -5.33 -13.92 -11.74
C ALA A 423 -5.40 -15.41 -12.11
N SER A 424 -4.58 -16.23 -11.45
CA SER A 424 -4.52 -17.66 -11.78
C SER A 424 -5.83 -18.37 -11.51
N VAL A 425 -6.67 -17.80 -10.67
CA VAL A 425 -7.97 -18.40 -10.38
C VAL A 425 -9.07 -17.65 -11.10
N LEU A 426 -9.03 -16.33 -11.02
CA LEU A 426 -10.15 -15.48 -11.43
C LEU A 426 -10.17 -15.07 -12.90
N PHE A 427 -8.97 -14.96 -13.48
CA PHE A 427 -8.82 -14.51 -14.85
C PHE A 427 -8.13 -15.62 -15.64
N LYS A 428 -8.43 -16.86 -15.25
CA LYS A 428 -7.94 -18.07 -15.92
C LYS A 428 -6.45 -18.01 -16.25
N ARG B 4 4.53 11.18 17.08
CA ARG B 4 4.37 12.43 16.35
C ARG B 4 5.28 12.45 15.12
N ILE B 5 5.17 11.44 14.27
CA ILE B 5 5.75 11.59 12.95
C ILE B 5 4.63 11.73 11.92
N ARG B 6 3.43 11.24 12.26
CA ARG B 6 2.28 11.33 11.37
C ARG B 6 1.28 12.40 11.81
N ILE B 7 0.89 13.27 10.87
CA ILE B 7 -0.21 14.20 11.11
C ILE B 7 -1.44 13.71 10.40
N ASP B 8 -2.46 13.33 11.17
CA ASP B 8 -3.70 12.86 10.59
C ASP B 8 -4.71 13.99 10.56
N LEU B 9 -5.45 14.10 9.47
CA LEU B 9 -6.59 15.00 9.43
C LEU B 9 -7.87 14.18 9.55
N PRO B 10 -8.68 14.44 10.59
CA PRO B 10 -9.87 13.61 10.79
C PRO B 10 -10.80 13.72 9.59
N GLN B 11 -11.46 12.63 9.21
CA GLN B 11 -12.32 12.65 8.03
C GLN B 11 -13.41 13.73 8.10
N ASP B 12 -13.90 14.02 9.31
CA ASP B 12 -14.95 15.02 9.45
C ASP B 12 -14.38 16.43 9.32
N GLU B 13 -13.07 16.52 9.17
CA GLU B 13 -12.38 17.77 8.92
C GLU B 13 -11.98 17.94 7.46
N ILE B 14 -12.38 17.00 6.61
CA ILE B 14 -12.00 17.08 5.21
C ILE B 14 -12.57 18.34 4.58
N PRO B 15 -11.78 19.01 3.73
CA PRO B 15 -12.24 20.18 2.97
C PRO B 15 -13.47 19.84 2.16
N ALA B 16 -14.36 20.81 1.99
CA ALA B 16 -15.58 20.57 1.23
C ALA B 16 -15.55 21.25 -0.14
N GLN B 17 -14.40 21.82 -0.51
CA GLN B 17 -14.35 22.49 -1.80
C GLN B 17 -13.01 22.37 -2.49
N TRP B 18 -13.07 22.44 -3.80
CA TRP B 18 -11.89 22.46 -4.66
C TRP B 18 -11.39 23.89 -4.84
N TYR B 19 -10.10 24.03 -5.15
CA TYR B 19 -9.53 25.35 -5.43
C TYR B 19 -9.31 25.52 -6.93
N ASN B 20 -9.85 26.61 -7.46
CA ASN B 20 -9.67 26.98 -8.85
C ASN B 20 -8.72 28.17 -8.97
N ILE B 21 -7.52 27.96 -9.51
CA ILE B 21 -6.51 29.02 -9.47
C ILE B 21 -6.70 30.06 -10.58
N LEU B 22 -7.56 29.76 -11.54
CA LEU B 22 -7.71 30.59 -12.76
C LEU B 22 -7.92 32.07 -12.48
N PRO B 23 -8.84 32.42 -11.57
CA PRO B 23 -8.99 33.85 -11.27
C PRO B 23 -7.75 34.48 -10.64
N ASP B 24 -6.90 33.68 -10.00
CA ASP B 24 -5.78 34.22 -9.23
C ASP B 24 -4.45 34.24 -9.98
N LEU B 25 -4.41 33.70 -11.20
CA LEU B 25 -3.17 33.72 -11.99
C LEU B 25 -2.75 35.16 -12.28
N PRO B 26 -1.44 35.38 -12.51
CA PRO B 26 -0.88 36.72 -12.71
C PRO B 26 -1.37 37.34 -14.01
N GLU B 27 -1.75 36.50 -14.97
CA GLU B 27 -2.27 36.95 -16.25
C GLU B 27 -2.99 35.83 -16.98
N GLU B 28 -3.94 36.19 -17.84
CA GLU B 28 -4.80 35.24 -18.53
C GLU B 28 -4.05 34.05 -19.14
N LEU B 29 -4.67 32.90 -19.05
CA LEU B 29 -4.13 31.67 -19.61
C LEU B 29 -4.35 31.63 -21.11
N PRO B 30 -3.30 31.27 -21.86
CA PRO B 30 -3.47 31.10 -23.30
C PRO B 30 -4.59 30.08 -23.59
N PRO B 31 -5.65 30.54 -24.26
CA PRO B 31 -6.81 29.72 -24.62
C PRO B 31 -6.47 28.61 -25.61
N PRO B 32 -7.16 27.47 -25.51
CA PRO B 32 -6.93 26.37 -26.45
C PRO B 32 -7.07 26.84 -27.90
N GLN B 33 -6.25 26.27 -28.79
CA GLN B 33 -6.33 26.58 -30.22
C GLN B 33 -6.90 25.40 -30.99
N ASP B 34 -7.56 25.68 -32.11
CA ASP B 34 -8.20 24.62 -32.91
C ASP B 34 -8.16 24.90 -34.41
N PRO B 35 -7.21 24.28 -35.12
CA PRO B 35 -7.15 24.39 -36.58
C PRO B 35 -8.15 23.46 -37.27
N THR B 36 -7.77 22.20 -37.47
CA THR B 36 -8.66 21.21 -38.07
C THR B 36 -10.03 21.23 -37.40
N GLY B 37 -10.82 22.25 -37.73
CA GLY B 37 -12.05 22.60 -37.03
C GLY B 37 -13.01 21.54 -36.52
N LYS B 38 -12.53 20.31 -36.32
CA LYS B 38 -13.37 19.24 -35.79
C LYS B 38 -13.14 18.99 -34.30
N SER B 39 -11.88 19.01 -33.89
CA SER B 39 -11.53 18.77 -32.49
C SER B 39 -11.82 20.00 -31.64
N LEU B 40 -13.01 20.02 -31.06
CA LEU B 40 -13.53 21.12 -30.27
C LEU B 40 -14.99 20.81 -30.02
N GLU B 41 -15.70 20.57 -31.12
CA GLU B 41 -17.02 19.96 -31.03
C GLU B 41 -16.83 18.47 -30.71
N LEU B 42 -15.72 17.89 -31.16
CA LEU B 42 -15.40 16.51 -30.81
C LEU B 42 -15.16 16.41 -29.33
N LEU B 43 -14.46 17.40 -28.78
CA LEU B 43 -14.19 17.45 -27.35
C LEU B 43 -15.50 17.51 -26.55
N LYS B 44 -16.47 18.23 -27.07
CA LYS B 44 -17.77 18.36 -26.42
C LYS B 44 -18.52 17.04 -26.49
N GLU B 45 -18.26 16.27 -27.54
CA GLU B 45 -18.95 15.00 -27.70
C GLU B 45 -18.44 13.91 -26.73
N VAL B 46 -17.16 13.92 -26.42
CA VAL B 46 -16.59 12.84 -25.60
C VAL B 46 -16.35 13.23 -24.15
N LEU B 47 -16.19 14.52 -23.86
CA LEU B 47 -15.98 14.98 -22.49
C LEU B 47 -17.29 15.08 -21.72
N PRO B 48 -17.25 14.79 -20.41
CA PRO B 48 -18.43 15.04 -19.58
C PRO B 48 -18.80 16.52 -19.58
N SER B 49 -20.09 16.81 -19.72
CA SER B 49 -20.53 18.19 -19.90
C SER B 49 -20.08 19.12 -18.78
N LYS B 50 -20.24 18.68 -17.53
CA LYS B 50 -19.93 19.55 -16.39
C LYS B 50 -18.43 19.68 -16.19
N VAL B 51 -17.68 18.73 -16.75
CA VAL B 51 -16.22 18.81 -16.71
C VAL B 51 -15.76 19.87 -17.70
N LEU B 52 -16.35 19.84 -18.89
CA LEU B 52 -16.08 20.83 -19.92
C LEU B 52 -16.38 22.23 -19.36
N GLU B 53 -17.47 22.33 -18.61
CA GLU B 53 -17.94 23.59 -18.06
C GLU B 53 -17.00 24.14 -17.00
N LEU B 54 -16.40 23.26 -16.21
CA LEU B 54 -15.54 23.70 -15.12
C LEU B 54 -14.16 24.11 -15.62
N GLU B 55 -13.89 23.81 -16.89
CA GLU B 55 -12.56 24.02 -17.45
C GLU B 55 -12.15 25.49 -17.37
N PHE B 56 -13.09 26.39 -17.66
CA PHE B 56 -12.84 27.83 -17.52
C PHE B 56 -13.67 28.44 -16.40
N ALA B 57 -14.03 27.64 -15.41
CA ALA B 57 -14.76 28.11 -14.23
C ALA B 57 -14.14 29.40 -13.68
N LYS B 58 -14.96 30.26 -13.09
CA LYS B 58 -14.49 31.57 -12.65
C LYS B 58 -14.55 31.76 -11.14
N GLU B 59 -15.25 30.87 -10.45
CA GLU B 59 -15.32 30.96 -9.00
C GLU B 59 -14.08 30.34 -8.40
N ARG B 60 -13.55 30.97 -7.37
CA ARG B 60 -12.28 30.56 -6.79
C ARG B 60 -12.39 29.18 -6.16
N TYR B 61 -13.53 28.90 -5.55
CA TYR B 61 -13.78 27.62 -4.90
C TYR B 61 -15.00 26.94 -5.50
N VAL B 62 -14.87 25.64 -5.75
CA VAL B 62 -15.97 24.84 -6.29
C VAL B 62 -16.35 23.79 -5.26
N LYS B 63 -17.64 23.76 -4.90
CA LYS B 63 -18.14 22.82 -3.91
C LYS B 63 -17.97 21.38 -4.41
N ILE B 64 -17.42 20.52 -3.57
CA ILE B 64 -17.28 19.13 -3.94
C ILE B 64 -18.65 18.49 -3.77
N PRO B 65 -19.18 17.89 -4.85
CA PRO B 65 -20.46 17.17 -4.81
C PRO B 65 -20.49 16.13 -3.68
N ASP B 66 -21.62 16.00 -2.97
CA ASP B 66 -21.71 15.07 -1.84
C ASP B 66 -21.31 13.63 -2.22
N GLU B 67 -21.69 13.18 -3.41
CA GLU B 67 -21.36 11.82 -3.84
C GLU B 67 -19.84 11.65 -4.01
N VAL B 68 -19.18 12.67 -4.52
CA VAL B 68 -17.73 12.59 -4.68
C VAL B 68 -17.07 12.57 -3.30
N LEU B 69 -17.48 13.49 -2.42
CA LEU B 69 -16.93 13.61 -1.08
C LEU B 69 -17.03 12.31 -0.29
N GLU B 70 -18.18 11.66 -0.44
CA GLU B 70 -18.44 10.34 0.15
C GLU B 70 -17.40 9.31 -0.27
N ARG B 71 -17.12 9.24 -1.58
CA ARG B 71 -16.11 8.30 -2.08
C ARG B 71 -14.68 8.70 -1.72
N TYR B 72 -14.43 10.01 -1.61
CA TYR B 72 -13.15 10.49 -1.12
C TYR B 72 -12.86 9.84 0.22
N LEU B 73 -13.84 9.90 1.11
CA LEU B 73 -13.67 9.34 2.44
C LEU B 73 -13.50 7.83 2.37
N GLN B 74 -14.09 7.21 1.35
CA GLN B 74 -14.04 5.77 1.22
C GLN B 74 -12.66 5.24 0.81
N VAL B 75 -12.00 5.94 -0.12
CA VAL B 75 -10.73 5.46 -0.67
C VAL B 75 -9.51 5.95 0.10
N GLY B 76 -9.74 6.58 1.25
CA GLY B 76 -8.68 6.91 2.16
C GLY B 76 -8.37 8.37 2.47
N ARG B 77 -9.12 9.33 1.95
CA ARG B 77 -8.92 10.71 2.35
C ARG B 77 -9.49 11.00 3.75
N PRO B 78 -8.97 11.96 4.47
CA PRO B 78 -7.76 12.69 4.08
C PRO B 78 -6.51 11.83 4.23
N THR B 79 -5.52 12.01 3.37
CA THR B 79 -4.26 11.29 3.54
C THR B 79 -3.37 12.00 4.56
N PRO B 80 -2.53 11.25 5.30
CA PRO B 80 -1.68 11.89 6.31
C PRO B 80 -0.47 12.64 5.73
N ILE B 81 0.08 13.54 6.54
CA ILE B 81 1.39 14.12 6.29
C ILE B 81 2.35 13.41 7.22
N ILE B 82 3.48 12.97 6.68
CA ILE B 82 4.45 12.27 7.52
C ILE B 82 5.72 13.07 7.54
N ARG B 83 6.32 13.24 8.71
CA ARG B 83 7.63 13.87 8.80
C ARG B 83 8.73 12.83 8.64
N ALA B 84 9.63 13.05 7.69
CA ALA B 84 10.68 12.09 7.35
C ALA B 84 11.94 12.34 8.16
N LYS B 85 11.89 12.04 9.45
CA LYS B 85 13.00 12.39 10.35
C LYS B 85 14.29 11.62 10.07
N ARG B 86 14.20 10.38 9.58
CA ARG B 86 15.42 9.60 9.34
C ARG B 86 16.13 10.13 8.11
N LEU B 87 15.35 10.56 7.14
CA LEU B 87 15.90 11.23 5.96
C LEU B 87 16.49 12.58 6.32
N GLU B 88 15.81 13.33 7.20
CA GLU B 88 16.38 14.59 7.70
C GLU B 88 17.76 14.37 8.31
N GLU B 89 17.89 13.31 9.10
CA GLU B 89 19.18 13.01 9.76
C GLU B 89 20.26 12.77 8.71
N TYR B 90 19.94 11.87 7.77
CA TYR B 90 20.87 11.57 6.68
C TYR B 90 21.33 12.83 5.94
N LEU B 91 20.42 13.80 5.80
CA LEU B 91 20.74 15.07 5.16
C LEU B 91 21.27 16.10 6.17
N GLY B 92 21.68 15.63 7.35
CA GLY B 92 22.34 16.47 8.32
C GLY B 92 21.46 17.40 9.15
N ASN B 93 20.16 17.14 9.15
CA ASN B 93 19.19 17.91 9.91
C ASN B 93 19.16 19.39 9.52
N ASN B 94 19.53 19.67 8.29
CA ASN B 94 19.56 21.02 7.74
C ASN B 94 18.20 21.50 7.23
N ILE B 95 17.29 20.56 7.08
CA ILE B 95 15.94 20.89 6.65
C ILE B 95 14.92 20.02 7.36
N LYS B 96 13.67 20.49 7.43
CA LYS B 96 12.59 19.68 7.97
C LYS B 96 11.75 19.23 6.79
N ILE B 97 11.42 17.94 6.74
CA ILE B 97 10.81 17.35 5.55
C ILE B 97 9.43 16.76 5.84
N TYR B 98 8.40 17.30 5.21
CA TYR B 98 7.04 16.78 5.38
C TYR B 98 6.55 16.25 4.04
N LEU B 99 5.92 15.08 4.09
CA LEU B 99 5.45 14.39 2.90
C LEU B 99 3.94 14.25 2.93
N LYS B 100 3.27 14.82 1.94
CA LYS B 100 1.84 14.63 1.82
C LYS B 100 1.66 13.32 1.10
N MET B 101 1.15 12.31 1.82
CA MET B 101 1.19 10.93 1.36
C MET B 101 -0.01 10.59 0.52
N GLU B 102 -0.04 11.06 -0.72
CA GLU B 102 -1.11 10.70 -1.64
C GLU B 102 -1.06 9.22 -2.01
N SER B 103 0.07 8.58 -1.74
CA SER B 103 0.19 7.14 -1.89
C SER B 103 -0.75 6.37 -0.97
N TYR B 104 -1.32 7.03 0.04
CA TYR B 104 -2.16 6.34 1.03
C TYR B 104 -3.55 5.98 0.53
N THR B 105 -3.94 6.43 -0.67
CA THR B 105 -5.25 6.04 -1.15
C THR B 105 -5.24 4.58 -1.61
N TYR B 106 -6.43 4.01 -1.78
CA TYR B 106 -6.57 2.57 -2.05
C TYR B 106 -5.76 2.10 -3.29
N THR B 107 -5.64 2.94 -4.31
CA THR B 107 -4.91 2.52 -5.51
C THR B 107 -3.43 2.97 -5.52
N GLY B 108 -2.99 3.64 -4.46
CA GLY B 108 -1.59 3.98 -4.29
C GLY B 108 -1.13 5.27 -4.95
N SER B 109 -2.06 6.15 -5.33
CA SER B 109 -1.65 7.45 -5.85
C SER B 109 -2.72 8.53 -5.75
N HIS B 110 -2.36 9.73 -6.20
CA HIS B 110 -3.22 10.90 -6.17
C HIS B 110 -4.26 10.86 -7.29
N LYS B 111 -4.12 9.92 -8.21
CA LYS B 111 -4.98 9.84 -9.42
C LYS B 111 -6.46 9.67 -9.12
N ILE B 112 -6.74 8.94 -8.05
CA ILE B 112 -8.13 8.68 -7.68
C ILE B 112 -8.85 9.99 -7.36
N ASN B 113 -8.10 11.06 -7.07
CA ASN B 113 -8.71 12.33 -6.68
C ASN B 113 -9.52 12.95 -7.81
N SER B 114 -9.09 12.81 -9.05
CA SER B 114 -9.91 13.33 -10.15
C SER B 114 -10.73 12.23 -10.81
N ALA B 115 -10.27 10.99 -10.71
CA ALA B 115 -10.96 9.87 -11.34
C ALA B 115 -12.39 9.77 -10.81
N LEU B 116 -12.54 9.95 -9.50
CA LEU B 116 -13.86 9.95 -8.87
C LEU B 116 -14.72 11.08 -9.43
N ALA B 117 -14.14 12.27 -9.58
CA ALA B 117 -14.91 13.41 -10.05
C ALA B 117 -15.27 13.29 -11.54
N HIS B 118 -14.33 12.83 -12.36
CA HIS B 118 -14.63 12.64 -13.78
C HIS B 118 -15.71 11.59 -13.99
N VAL B 119 -15.60 10.48 -13.27
CA VAL B 119 -16.54 9.38 -13.48
C VAL B 119 -17.90 9.82 -12.98
N TYR B 120 -17.93 10.51 -11.84
CA TYR B 120 -19.18 11.05 -11.30
C TYR B 120 -19.89 11.96 -12.31
N TYR B 121 -19.13 12.85 -12.94
CA TYR B 121 -19.70 13.76 -13.92
C TYR B 121 -20.07 13.04 -15.22
N ALA B 122 -19.40 11.93 -15.53
CA ALA B 122 -19.80 11.12 -16.69
C ALA B 122 -21.12 10.43 -16.44
N LYS B 123 -21.28 9.91 -15.23
CA LYS B 123 -22.55 9.34 -14.78
C LYS B 123 -23.71 10.33 -14.96
N LEU B 124 -23.51 11.60 -14.63
CA LEU B 124 -24.59 12.58 -14.77
C LEU B 124 -24.91 12.91 -16.23
N ASP B 125 -24.07 12.43 -17.14
CA ASP B 125 -24.31 12.59 -18.58
C ASP B 125 -25.02 11.36 -19.12
N ASN B 126 -25.28 10.40 -18.24
CA ASN B 126 -25.87 9.12 -18.60
C ASN B 126 -25.01 8.30 -19.53
N ALA B 127 -23.69 8.49 -19.41
CA ALA B 127 -22.71 7.70 -20.16
C ALA B 127 -22.94 6.21 -19.93
N LYS B 128 -22.81 5.42 -20.99
CA LYS B 128 -22.94 3.96 -20.87
C LYS B 128 -21.64 3.32 -20.45
N PHE B 129 -20.54 4.00 -20.75
CA PHE B 129 -19.23 3.58 -20.31
C PHE B 129 -18.29 4.76 -20.37
N VAL B 130 -17.11 4.60 -19.76
CA VAL B 130 -16.06 5.58 -19.87
C VAL B 130 -14.83 4.89 -20.46
N THR B 131 -14.05 5.68 -21.20
CA THR B 131 -12.77 5.23 -21.73
C THR B 131 -11.71 6.08 -21.10
N THR B 132 -10.50 5.57 -21.07
CA THR B 132 -9.36 6.39 -20.75
C THR B 132 -8.13 5.62 -21.17
N GLU B 133 -7.00 6.31 -21.24
CA GLU B 133 -5.72 5.66 -21.50
C GLU B 133 -4.96 5.58 -20.18
N THR B 134 -3.90 4.77 -20.14
CA THR B 134 -3.01 4.77 -18.98
C THR B 134 -1.59 4.36 -19.33
N GLY B 135 -0.62 4.86 -18.56
CA GLY B 135 0.77 4.47 -18.77
C GLY B 135 1.24 3.52 -17.68
N ALA B 136 1.64 4.11 -16.55
CA ALA B 136 2.01 3.35 -15.35
C ALA B 136 0.85 2.47 -14.86
N GLY B 137 -0.36 2.87 -15.23
CA GLY B 137 -1.54 2.15 -14.80
C GLY B 137 -2.00 2.62 -13.45
N GLN B 138 -1.38 3.68 -12.95
CA GLN B 138 -1.86 4.27 -11.75
C GLN B 138 -3.17 4.95 -12.05
N TRP B 139 -3.26 5.52 -13.22
CA TRP B 139 -4.49 6.21 -13.64
C TRP B 139 -5.56 5.20 -14.05
N GLY B 140 -5.16 4.21 -14.85
CA GLY B 140 -6.02 3.09 -15.19
C GLY B 140 -6.72 2.46 -14.01
N SER B 141 -5.97 2.12 -12.99
CA SER B 141 -6.56 1.50 -11.84
C SER B 141 -7.40 2.45 -11.02
N SER B 142 -7.04 3.73 -10.97
CA SER B 142 -7.86 4.71 -10.28
C SER B 142 -9.22 4.90 -11.00
N VAL B 143 -9.19 4.90 -12.33
CA VAL B 143 -10.46 5.00 -13.06
C VAL B 143 -11.25 3.69 -12.97
N ALA B 144 -10.56 2.56 -12.91
CA ALA B 144 -11.23 1.28 -12.71
C ALA B 144 -11.92 1.26 -11.36
N LEU B 145 -11.22 1.75 -10.34
CA LEU B 145 -11.82 1.80 -9.00
C LEU B 145 -12.97 2.81 -8.94
N ALA B 146 -12.75 4.02 -9.47
CA ALA B 146 -13.79 5.05 -9.48
C ALA B 146 -15.05 4.54 -10.18
N SER B 147 -14.85 3.79 -11.26
CA SER B 147 -15.95 3.22 -12.04
C SER B 147 -16.67 2.10 -11.29
N ALA B 148 -15.93 1.35 -10.48
CA ALA B 148 -16.54 0.33 -9.66
C ALA B 148 -17.44 0.99 -8.63
N LEU B 149 -16.96 2.09 -8.06
CA LEU B 149 -17.66 2.76 -6.97
C LEU B 149 -18.89 3.52 -7.46
N PHE B 150 -18.83 4.02 -8.70
CA PHE B 150 -19.96 4.75 -9.25
C PHE B 150 -20.78 3.87 -10.20
N ARG B 151 -20.43 2.59 -10.22
CA ARG B 151 -21.16 1.59 -11.00
C ARG B 151 -21.21 1.99 -12.47
N MET B 152 -20.01 2.20 -13.00
CA MET B 152 -19.86 2.55 -14.39
C MET B 152 -19.03 1.47 -15.06
N LYS B 153 -19.30 1.19 -16.33
CA LYS B 153 -18.48 0.26 -17.10
C LYS B 153 -17.25 1.01 -17.62
N ALA B 154 -16.07 0.41 -17.50
CA ALA B 154 -14.86 1.13 -17.88
C ALA B 154 -13.98 0.36 -18.85
N HIS B 155 -13.45 1.08 -19.84
CA HIS B 155 -12.57 0.55 -20.88
C HIS B 155 -11.27 1.30 -20.82
N ILE B 156 -10.21 0.59 -20.47
CA ILE B 156 -8.93 1.25 -20.29
C ILE B 156 -7.94 0.89 -21.40
N PHE B 157 -7.37 1.91 -22.01
CA PHE B 157 -6.38 1.70 -23.07
C PHE B 157 -4.97 1.93 -22.54
N MET B 158 -4.24 0.82 -22.38
CA MET B 158 -2.93 0.81 -21.72
C MET B 158 -1.80 0.72 -22.75
N VAL B 159 -0.80 1.60 -22.60
CA VAL B 159 0.28 1.83 -23.56
C VAL B 159 0.87 0.59 -24.28
N ARG B 160 0.70 -0.58 -23.69
CA ARG B 160 1.05 -1.88 -24.31
C ARG B 160 2.42 -2.38 -23.87
N THR B 161 3.45 -1.56 -24.02
CA THR B 161 4.72 -1.92 -23.40
C THR B 161 4.45 -2.05 -21.91
N SER B 162 3.69 -1.11 -21.37
CA SER B 162 3.29 -1.17 -19.96
C SER B 162 2.31 -2.31 -19.70
N TYR B 163 1.42 -2.54 -20.67
CA TYR B 163 0.44 -3.62 -20.60
C TYR B 163 1.07 -4.96 -20.21
N TYR B 164 2.14 -5.32 -20.92
CA TYR B 164 2.78 -6.62 -20.75
C TYR B 164 3.84 -6.63 -19.65
N ALA B 165 4.45 -5.48 -19.40
CA ALA B 165 5.49 -5.41 -18.36
C ALA B 165 4.91 -5.08 -16.99
N LYS B 166 3.67 -4.60 -17.02
CA LYS B 166 2.93 -4.28 -15.83
C LYS B 166 1.64 -5.07 -15.86
N PRO B 167 1.74 -6.40 -15.73
CA PRO B 167 0.53 -7.22 -15.69
C PRO B 167 -0.23 -7.06 -14.39
N TYR B 168 0.46 -6.87 -13.27
CA TYR B 168 -0.24 -6.75 -12.00
C TYR B 168 -1.16 -5.52 -11.99
N ARG B 169 -0.79 -4.45 -12.67
CA ARG B 169 -1.65 -3.30 -12.75
C ARG B 169 -2.85 -3.63 -13.62
N LYS B 170 -2.62 -4.43 -14.63
CA LYS B 170 -3.72 -4.91 -15.47
C LYS B 170 -4.64 -5.77 -14.62
N TYR B 171 -4.05 -6.66 -13.81
CA TYR B 171 -4.83 -7.52 -12.93
C TYR B 171 -5.67 -6.72 -11.94
N MET B 172 -5.11 -5.61 -11.48
CA MET B 172 -5.79 -4.73 -10.53
C MET B 172 -7.03 -4.10 -11.16
N MET B 173 -6.90 -3.62 -12.39
CA MET B 173 -8.03 -3.04 -13.10
C MET B 173 -9.13 -4.08 -13.26
N GLN B 174 -8.72 -5.31 -13.55
CA GLN B 174 -9.69 -6.38 -13.78
C GLN B 174 -10.35 -6.80 -12.48
N MET B 175 -9.61 -6.77 -11.36
CA MET B 175 -10.22 -7.03 -10.04
C MET B 175 -11.32 -6.03 -9.71
N TYR B 176 -11.17 -4.80 -10.20
CA TYR B 176 -12.21 -3.77 -10.06
C TYR B 176 -13.33 -3.86 -11.11
N GLY B 177 -13.20 -4.80 -12.04
CA GLY B 177 -14.21 -5.04 -13.05
C GLY B 177 -14.12 -4.20 -14.31
N ALA B 178 -12.94 -3.63 -14.57
CA ALA B 178 -12.71 -2.89 -15.80
C ALA B 178 -12.21 -3.83 -16.91
N GLU B 179 -12.41 -3.42 -18.16
CA GLU B 179 -11.81 -4.14 -19.28
C GLU B 179 -10.60 -3.39 -19.76
N VAL B 180 -9.50 -4.12 -19.95
CA VAL B 180 -8.23 -3.49 -20.29
C VAL B 180 -7.82 -3.83 -21.71
N HIS B 181 -7.35 -2.82 -22.44
CA HIS B 181 -7.02 -2.97 -23.85
C HIS B 181 -5.61 -2.44 -24.14
N PRO B 182 -4.78 -3.26 -24.81
CA PRO B 182 -3.47 -2.82 -25.27
C PRO B 182 -3.59 -1.77 -26.38
N SER B 183 -2.82 -0.69 -26.28
CA SER B 183 -2.89 0.41 -27.24
C SER B 183 -1.51 0.63 -27.90
N PRO B 184 -1.47 0.81 -29.24
CA PRO B 184 -2.59 0.83 -30.19
C PRO B 184 -3.43 -0.46 -30.19
N SER B 185 -4.74 -0.30 -30.21
CA SER B 185 -5.67 -1.40 -29.97
C SER B 185 -6.39 -1.90 -31.21
N ASP B 186 -7.67 -2.26 -31.02
CA ASP B 186 -8.56 -2.64 -32.10
C ASP B 186 -9.78 -1.69 -32.12
N LEU B 187 -9.56 -0.50 -32.66
CA LEU B 187 -10.59 0.48 -33.02
C LEU B 187 -9.99 1.88 -33.06
N LEU B 205 2.41 7.84 -27.07
CA LEU B 205 1.38 7.19 -26.19
C LEU B 205 0.91 8.07 -25.01
N GLY B 206 0.23 9.19 -25.30
CA GLY B 206 0.13 9.59 -26.70
C GLY B 206 -0.84 8.96 -27.67
N ILE B 207 -0.55 7.77 -28.18
CA ILE B 207 -1.43 7.11 -29.04
C ILE B 207 -2.63 6.62 -28.24
N ALA B 208 -2.43 6.42 -26.95
CA ALA B 208 -3.42 5.81 -26.07
C ALA B 208 -4.59 6.76 -25.88
N ILE B 209 -4.28 8.02 -25.57
CA ILE B 209 -5.28 9.08 -25.50
C ILE B 209 -6.10 9.12 -26.77
N SER B 210 -5.43 9.00 -27.92
CA SER B 210 -6.12 8.97 -29.20
C SER B 210 -7.00 7.73 -29.32
N ASP B 211 -6.45 6.61 -28.89
CA ASP B 211 -7.17 5.35 -28.92
C ASP B 211 -8.47 5.50 -28.13
N ALA B 212 -8.33 5.96 -26.89
CA ALA B 212 -9.44 6.09 -25.96
C ALA B 212 -10.48 7.08 -26.48
N VAL B 213 -10.02 8.27 -26.84
CA VAL B 213 -10.84 9.30 -27.43
C VAL B 213 -11.67 8.75 -28.59
N GLU B 214 -11.00 8.08 -29.53
CA GLU B 214 -11.65 7.43 -30.65
C GLU B 214 -12.74 6.46 -30.21
N TYR B 215 -12.37 5.55 -29.31
CA TYR B 215 -13.28 4.51 -28.86
C TYR B 215 -14.54 5.09 -28.24
N ALA B 216 -14.41 6.24 -27.57
CA ALA B 216 -15.55 6.88 -26.94
C ALA B 216 -16.50 7.45 -27.98
N HIS B 217 -15.98 8.02 -29.04
CA HIS B 217 -16.85 8.51 -30.09
C HIS B 217 -17.27 7.26 -30.79
N LYS B 218 -18.46 6.78 -30.48
CA LYS B 218 -18.85 5.39 -30.77
C LYS B 218 -18.13 4.39 -29.85
N ASN B 219 -18.86 3.57 -29.11
CA ASN B 219 -20.29 3.69 -28.97
C ASN B 219 -20.63 4.92 -28.25
N GLY B 220 -21.56 4.76 -27.36
CA GLY B 220 -22.07 5.92 -26.64
C GLY B 220 -21.37 6.22 -25.33
N GLY B 221 -20.07 6.51 -25.41
CA GLY B 221 -19.20 6.57 -24.25
C GLY B 221 -18.56 7.92 -24.01
N LYS B 222 -18.07 8.11 -22.79
CA LYS B 222 -17.43 9.35 -22.43
C LYS B 222 -15.96 9.11 -22.15
N TYR B 223 -15.14 10.08 -22.53
CA TYR B 223 -13.71 9.99 -22.31
C TYR B 223 -13.33 10.70 -21.02
N VAL B 224 -12.56 10.02 -20.19
CA VAL B 224 -12.16 10.56 -18.90
C VAL B 224 -10.69 10.95 -18.95
N VAL B 225 -10.39 12.22 -18.72
CA VAL B 225 -9.02 12.73 -18.81
C VAL B 225 -8.34 12.74 -17.43
N GLY B 226 -7.05 12.44 -17.41
CA GLY B 226 -6.38 12.14 -16.16
C GLY B 226 -5.34 13.13 -15.70
N SER B 227 -5.27 14.27 -16.37
CA SER B 227 -4.27 15.29 -16.06
C SER B 227 -4.38 16.50 -16.98
N VAL B 228 -3.32 17.30 -16.96
CA VAL B 228 -3.11 18.51 -17.78
C VAL B 228 -4.23 19.56 -17.74
N VAL B 229 -5.48 19.18 -17.95
CA VAL B 229 -6.53 20.19 -18.07
C VAL B 229 -6.85 20.82 -16.72
N ASN B 230 -7.59 21.93 -16.75
CA ASN B 230 -7.85 22.70 -15.54
C ASN B 230 -8.77 21.98 -14.58
N SER B 231 -9.81 21.35 -15.10
CA SER B 231 -10.79 20.66 -14.26
C SER B 231 -10.10 19.53 -13.49
N ASP B 232 -9.24 18.79 -14.18
CA ASP B 232 -8.55 17.67 -13.58
C ASP B 232 -7.64 18.11 -12.43
N ILE B 233 -6.79 19.11 -12.70
CA ILE B 233 -6.00 19.72 -11.63
C ILE B 233 -6.90 20.21 -10.49
N MET B 234 -8.01 20.87 -10.84
CA MET B 234 -8.90 21.40 -9.82
C MET B 234 -9.40 20.28 -8.89
N PHE B 235 -9.81 19.16 -9.46
CA PHE B 235 -10.28 18.03 -8.66
C PHE B 235 -9.20 17.49 -7.69
N LYS B 236 -7.93 17.60 -8.06
CA LYS B 236 -6.86 17.02 -7.24
C LYS B 236 -6.41 17.93 -6.12
N THR B 237 -6.85 19.19 -6.13
CA THR B 237 -6.46 20.16 -5.11
C THR B 237 -7.05 19.85 -3.73
N ILE B 238 -7.94 18.87 -3.66
CA ILE B 238 -8.34 18.35 -2.36
C ILE B 238 -7.11 18.00 -1.52
N ALA B 239 -6.05 17.49 -2.17
CA ALA B 239 -4.82 17.17 -1.47
C ALA B 239 -4.20 18.41 -0.84
N GLY B 240 -4.12 19.48 -1.65
CA GLY B 240 -3.53 20.74 -1.21
C GLY B 240 -4.35 21.42 -0.15
N MET B 241 -5.67 21.39 -0.30
CA MET B 241 -6.60 21.91 0.72
C MET B 241 -6.42 21.20 2.05
N GLU B 242 -6.30 19.88 2.01
CA GLU B 242 -6.02 19.09 3.23
C GLU B 242 -4.66 19.46 3.82
N ALA B 243 -3.64 19.53 2.97
CA ALA B 243 -2.28 19.76 3.45
C ALA B 243 -2.11 21.11 4.13
N LYS B 244 -2.77 22.13 3.57
CA LYS B 244 -2.78 23.47 4.18
C LYS B 244 -3.32 23.40 5.60
N LYS B 245 -4.45 22.73 5.78
CA LYS B 245 -5.05 22.57 7.11
C LYS B 245 -4.16 21.75 8.04
N GLN B 246 -3.50 20.72 7.50
CA GLN B 246 -2.62 19.90 8.33
C GLN B 246 -1.37 20.65 8.79
N MET B 247 -0.72 21.39 7.90
CA MET B 247 0.47 22.15 8.28
C MET B 247 0.11 23.18 9.35
N GLU B 248 -0.98 23.92 9.17
CA GLU B 248 -1.44 24.84 10.21
C GLU B 248 -1.66 24.12 11.55
N LEU B 249 -2.16 22.88 11.49
CA LEU B 249 -2.39 22.08 12.69
C LEU B 249 -1.14 21.91 13.55
N ILE B 250 0.03 21.92 12.92
CA ILE B 250 1.28 21.79 13.67
C ILE B 250 2.09 23.07 13.62
N GLY B 251 1.47 24.15 13.15
CA GLY B 251 2.10 25.46 13.13
C GLY B 251 3.36 25.46 12.29
N GLU B 252 3.22 24.98 11.06
CA GLU B 252 4.36 24.75 10.19
C GLU B 252 4.14 25.33 8.80
N ASP B 253 4.76 26.47 8.54
CA ASP B 253 4.64 27.09 7.23
C ASP B 253 5.80 26.65 6.36
N PRO B 254 5.51 25.92 5.26
CA PRO B 254 6.60 25.45 4.37
C PRO B 254 7.33 26.57 3.61
N ASP B 255 8.65 26.44 3.53
CA ASP B 255 9.49 27.35 2.75
C ASP B 255 9.57 26.90 1.30
N TYR B 256 9.45 25.59 1.09
CA TYR B 256 9.53 25.00 -0.24
C TYR B 256 8.38 24.02 -0.44
N ILE B 257 7.75 24.05 -1.61
CA ILE B 257 6.80 23.00 -1.94
C ILE B 257 7.31 22.36 -3.22
N ILE B 258 7.52 21.05 -3.18
CA ILE B 258 8.17 20.36 -4.30
C ILE B 258 7.38 19.12 -4.71
N GLY B 259 7.68 18.64 -5.91
CA GLY B 259 6.97 17.50 -6.44
C GLY B 259 7.48 17.19 -7.82
N VAL B 260 6.88 16.19 -8.46
CA VAL B 260 7.33 15.78 -9.78
C VAL B 260 6.25 16.13 -10.79
N VAL B 261 6.61 16.16 -12.05
CA VAL B 261 5.66 16.55 -13.09
C VAL B 261 5.58 15.51 -14.17
N GLY B 262 4.41 14.89 -14.30
CA GLY B 262 4.10 14.06 -15.44
C GLY B 262 3.42 14.98 -16.43
N GLY B 263 2.14 15.25 -16.18
CA GLY B 263 1.41 16.30 -16.87
C GLY B 263 1.37 17.51 -15.96
N GLY B 264 1.64 17.28 -14.67
CA GLY B 264 1.78 18.36 -13.71
C GLY B 264 0.62 18.47 -12.73
N SER B 265 -0.29 17.51 -12.73
CA SER B 265 -1.50 17.60 -11.90
C SER B 265 -1.21 17.35 -10.43
N ASN B 266 -0.42 16.32 -10.12
CA ASN B 266 -0.18 16.05 -8.71
C ASN B 266 0.59 17.19 -8.07
N TYR B 267 1.52 17.82 -8.79
CA TYR B 267 2.25 18.94 -8.19
C TYR B 267 1.35 20.16 -8.02
N ALA B 268 0.63 20.52 -9.08
CA ALA B 268 -0.27 21.67 -9.02
C ALA B 268 -1.29 21.49 -7.90
N ALA B 269 -1.75 20.26 -7.73
CA ALA B 269 -2.80 19.95 -6.78
C ALA B 269 -2.38 20.27 -5.35
N LEU B 270 -1.12 20.07 -5.05
CA LEU B 270 -0.61 20.33 -3.71
C LEU B 270 -0.25 21.80 -3.55
N ALA B 271 0.39 22.36 -4.57
CA ALA B 271 0.94 23.70 -4.52
C ALA B 271 -0.11 24.78 -4.69
N TYR B 272 -1.02 24.61 -5.65
CA TYR B 272 -1.91 25.71 -6.02
C TYR B 272 -2.68 26.30 -4.84
N PRO B 273 -3.17 25.46 -3.93
CA PRO B 273 -3.87 26.07 -2.79
C PRO B 273 -2.96 26.95 -1.92
N PHE B 274 -1.66 26.66 -1.85
CA PHE B 274 -0.72 27.51 -1.11
C PHE B 274 -0.33 28.74 -1.93
N LEU B 275 -0.03 28.51 -3.21
CA LEU B 275 0.41 29.56 -4.11
C LEU B 275 -0.67 30.61 -4.36
N GLY B 276 -1.93 30.19 -4.28
CA GLY B 276 -3.07 31.08 -4.44
C GLY B 276 -3.09 32.16 -3.39
N ASP B 277 -2.93 31.77 -2.13
CA ASP B 277 -2.86 32.71 -1.02
C ASP B 277 -1.84 33.80 -1.30
N GLU B 278 -0.70 33.39 -1.83
CA GLU B 278 0.40 34.33 -2.05
C GLU B 278 0.08 35.26 -3.20
N LEU B 279 -0.33 34.71 -4.34
CA LEU B 279 -0.70 35.54 -5.49
C LEU B 279 -1.74 36.59 -5.12
N ARG B 280 -2.72 36.23 -4.30
CA ARG B 280 -3.77 37.19 -3.94
C ARG B 280 -3.25 38.26 -2.98
N SER B 281 -2.41 37.85 -2.05
CA SER B 281 -1.83 38.78 -1.07
C SER B 281 -0.76 39.68 -1.71
N GLY B 282 -0.42 39.40 -2.96
CA GLY B 282 0.55 40.21 -3.67
C GLY B 282 1.94 39.60 -3.83
N LYS B 283 2.47 39.01 -2.76
CA LYS B 283 3.85 38.52 -2.77
C LYS B 283 3.95 37.00 -2.73
N VAL B 284 4.90 36.46 -3.50
CA VAL B 284 5.22 35.04 -3.44
C VAL B 284 6.55 34.86 -2.73
N ARG B 285 6.49 34.38 -1.48
CA ARG B 285 7.71 34.21 -0.68
C ARG B 285 8.25 32.79 -0.73
N ARG B 286 7.35 31.81 -0.81
CA ARG B 286 7.76 30.41 -0.85
C ARG B 286 8.54 30.10 -2.12
N LYS B 287 9.38 29.08 -2.05
CA LYS B 287 9.99 28.54 -3.26
C LYS B 287 9.16 27.35 -3.76
N TYR B 288 8.93 27.30 -5.07
CA TYR B 288 8.22 26.20 -5.71
C TYR B 288 9.12 25.51 -6.72
N ILE B 289 9.43 24.24 -6.48
CA ILE B 289 10.29 23.48 -7.37
C ILE B 289 9.65 22.16 -7.78
N ALA B 290 9.62 21.91 -9.07
CA ALA B 290 9.08 20.67 -9.60
C ALA B 290 10.10 20.03 -10.54
N SER B 291 10.20 18.71 -10.47
CA SER B 291 11.14 17.97 -11.30
C SER B 291 10.44 17.03 -12.28
N GLY B 292 11.10 16.80 -13.43
CA GLY B 292 10.65 15.79 -14.37
C GLY B 292 11.78 14.80 -14.53
N SER B 293 11.73 13.97 -15.58
CA SER B 293 12.87 13.12 -15.89
C SER B 293 13.70 13.69 -17.04
N SER B 294 15.01 13.55 -16.93
CA SER B 294 15.91 14.00 -17.98
C SER B 294 15.76 13.17 -19.25
N GLU B 295 15.20 11.96 -19.12
CA GLU B 295 14.95 11.10 -20.28
C GLU B 295 13.73 11.56 -21.09
N VAL B 296 12.89 12.37 -20.46
CA VAL B 296 11.70 12.96 -21.09
C VAL B 296 11.63 14.40 -20.62
N PRO B 297 12.60 15.21 -21.06
CA PRO B 297 12.98 16.45 -20.39
C PRO B 297 12.18 17.68 -20.78
N LYS B 298 10.87 17.62 -20.84
CA LYS B 298 10.13 18.78 -21.21
C LYS B 298 10.22 19.87 -20.15
N MET B 299 10.51 19.49 -18.92
CA MET B 299 10.64 20.48 -17.86
C MET B 299 11.77 21.49 -18.11
N THR B 300 12.93 21.01 -18.54
CA THR B 300 14.06 21.92 -18.72
C THR B 300 14.60 22.04 -20.16
N LYS B 301 14.13 21.17 -21.06
CA LYS B 301 14.55 21.20 -22.46
C LYS B 301 13.35 21.42 -23.40
N GLY B 302 12.16 21.52 -22.83
CA GLY B 302 10.97 21.74 -23.65
C GLY B 302 10.81 23.20 -24.05
N VAL B 303 9.92 23.42 -25.02
CA VAL B 303 9.59 24.78 -25.43
C VAL B 303 8.15 25.12 -25.07
N TYR B 304 7.95 26.29 -24.47
CA TYR B 304 6.62 26.81 -24.17
C TYR B 304 5.93 27.25 -25.45
N LYS B 305 5.11 26.38 -26.02
CA LYS B 305 4.40 26.69 -27.27
C LYS B 305 3.11 25.89 -27.37
N TYR B 306 2.28 26.21 -28.36
CA TYR B 306 1.09 25.43 -28.64
C TYR B 306 1.48 24.08 -29.22
N ASP B 307 0.83 23.02 -28.73
CA ASP B 307 1.09 21.67 -29.20
C ASP B 307 -0.14 20.79 -28.98
N TYR B 308 -0.12 19.62 -29.61
CA TYR B 308 -1.24 18.69 -29.51
C TYR B 308 -1.18 17.86 -28.25
N PRO B 309 -2.26 17.87 -27.46
CA PRO B 309 -2.37 17.02 -26.29
C PRO B 309 -2.30 15.55 -26.65
N ASP B 310 -2.81 15.20 -27.81
CA ASP B 310 -2.82 13.81 -28.23
C ASP B 310 -2.03 13.59 -29.50
N THR B 311 -1.38 12.44 -29.58
CA THR B 311 -0.83 11.98 -30.83
C THR B 311 -2.01 11.81 -31.77
N ALA B 312 -1.92 12.08 -33.06
CA ALA B 312 -3.15 11.91 -33.82
C ALA B 312 -3.98 13.15 -34.02
N LYS B 313 -3.82 14.14 -33.18
CA LYS B 313 -4.31 15.47 -33.44
C LYS B 313 -5.77 15.73 -33.25
N LEU B 314 -6.48 14.86 -32.57
CA LEU B 314 -7.91 14.98 -32.52
C LEU B 314 -8.42 15.87 -31.45
N LEU B 315 -7.51 16.52 -30.75
CA LEU B 315 -7.85 17.28 -29.55
C LEU B 315 -7.28 18.69 -29.68
N PRO B 316 -8.03 19.69 -29.19
CA PRO B 316 -7.61 21.09 -29.29
C PRO B 316 -6.19 21.31 -28.78
N MET B 317 -5.44 22.16 -29.48
CA MET B 317 -4.06 22.47 -29.11
C MET B 317 -3.99 23.34 -27.87
N LEU B 318 -3.00 23.07 -27.01
CA LEU B 318 -2.82 23.81 -25.77
C LEU B 318 -1.42 24.37 -25.67
N LYS B 319 -1.28 25.51 -25.00
CA LYS B 319 0.03 26.12 -24.87
C LYS B 319 0.71 25.63 -23.59
N MET B 320 1.74 24.82 -23.78
CA MET B 320 2.50 24.25 -22.67
C MET B 320 3.96 24.07 -23.03
N TYR B 321 4.80 23.89 -22.01
CA TYR B 321 6.14 23.38 -22.25
C TYR B 321 5.98 21.99 -22.83
N THR B 322 6.60 21.74 -23.97
CA THR B 322 6.38 20.50 -24.69
C THR B 322 7.66 20.07 -25.37
N ILE B 323 7.74 18.78 -25.67
CA ILE B 323 8.83 18.28 -26.49
C ILE B 323 8.26 17.47 -27.64
N GLY B 324 6.99 17.68 -27.92
CA GLY B 324 6.36 17.13 -29.09
C GLY B 324 5.47 15.95 -28.82
N SER B 325 4.23 16.03 -29.28
CA SER B 325 3.27 14.96 -29.07
C SER B 325 3.71 13.63 -29.66
N ASP B 326 4.82 13.63 -30.39
CA ASP B 326 5.27 12.40 -31.04
C ASP B 326 6.48 11.80 -30.34
N PHE B 327 6.98 12.49 -29.32
CA PHE B 327 8.13 12.01 -28.56
C PHE B 327 7.85 10.64 -27.94
N VAL B 328 8.81 9.71 -28.07
CA VAL B 328 8.67 8.39 -27.48
C VAL B 328 9.86 8.07 -26.58
N PRO B 329 9.60 7.74 -25.29
CA PRO B 329 10.67 7.52 -24.32
C PRO B 329 11.56 6.31 -24.66
N PRO B 330 12.83 6.37 -24.23
CA PRO B 330 13.78 5.27 -24.42
C PRO B 330 13.28 3.97 -23.79
N PRO B 331 13.55 2.83 -24.44
CA PRO B 331 13.21 1.49 -23.93
C PRO B 331 13.69 1.27 -22.49
N VAL B 332 14.94 1.64 -22.25
CA VAL B 332 15.59 1.53 -20.95
C VAL B 332 14.91 2.38 -19.87
N TYR B 333 13.93 3.19 -20.25
CA TYR B 333 13.31 4.12 -19.33
C TYR B 333 12.18 3.48 -18.51
N ALA B 334 12.36 3.47 -17.19
CA ALA B 334 11.41 2.85 -16.27
C ALA B 334 10.89 3.85 -15.26
N GLY B 335 11.29 5.11 -15.42
CA GLY B 335 11.00 6.15 -14.44
C GLY B 335 9.62 6.78 -14.45
N GLY B 336 8.79 6.45 -15.43
CA GLY B 336 7.41 6.93 -15.39
C GLY B 336 7.09 8.18 -16.21
N LEU B 337 7.14 9.34 -15.57
CA LEU B 337 6.76 10.65 -16.14
C LEU B 337 6.94 10.79 -17.66
N ARG B 338 6.15 10.04 -18.42
CA ARG B 338 6.37 9.91 -19.86
C ARG B 338 5.67 10.95 -20.72
N TYR B 339 4.66 11.64 -20.19
CA TYR B 339 3.89 12.58 -21.01
C TYR B 339 4.79 13.69 -21.55
N HIS B 340 4.43 14.21 -22.72
CA HIS B 340 5.29 15.12 -23.45
C HIS B 340 5.05 16.59 -23.14
N GLY B 341 3.98 16.90 -22.44
CA GLY B 341 3.62 18.28 -22.20
C GLY B 341 3.30 18.57 -20.75
N VAL B 342 3.50 19.83 -20.33
CA VAL B 342 3.21 20.26 -18.98
C VAL B 342 1.88 21.03 -18.97
N ALA B 343 1.05 20.84 -17.95
CA ALA B 343 -0.23 21.56 -17.85
C ALA B 343 -0.06 23.05 -18.15
N PRO B 344 -1.02 23.63 -18.89
CA PRO B 344 -0.96 25.04 -19.29
C PRO B 344 -0.79 26.01 -18.13
N THR B 345 -1.49 25.80 -17.02
CA THR B 345 -1.42 26.71 -15.88
C THR B 345 -0.06 26.63 -15.22
N LEU B 346 0.44 25.41 -15.11
CA LEU B 346 1.75 25.19 -14.52
C LEU B 346 2.84 25.73 -15.48
N SER B 347 2.61 25.61 -16.79
CA SER B 347 3.56 26.13 -17.76
C SER B 347 3.59 27.64 -17.70
N LEU B 348 2.44 28.26 -17.50
CA LEU B 348 2.37 29.71 -17.33
C LEU B 348 3.22 30.13 -16.13
N LEU B 349 3.04 29.43 -15.03
CA LEU B 349 3.77 29.74 -13.81
C LEU B 349 5.28 29.50 -13.94
N ILE B 350 5.67 28.47 -14.66
CA ILE B 350 7.09 28.25 -14.90
C ILE B 350 7.68 29.36 -15.78
N SER B 351 6.92 29.77 -16.79
CA SER B 351 7.36 30.84 -17.68
C SER B 351 7.49 32.17 -16.91
N LYS B 352 6.74 32.33 -15.84
CA LYS B 352 6.76 33.57 -15.09
C LYS B 352 7.77 33.56 -13.95
N GLY B 353 8.50 32.47 -13.84
CA GLY B 353 9.54 32.36 -12.83
C GLY B 353 9.00 32.09 -11.44
N ILE B 354 7.71 31.74 -11.36
CA ILE B 354 7.09 31.48 -10.07
C ILE B 354 7.39 30.05 -9.61
N VAL B 355 7.37 29.12 -10.55
CA VAL B 355 7.78 27.75 -10.26
C VAL B 355 9.08 27.41 -10.96
N GLN B 356 10.06 26.98 -10.19
CA GLN B 356 11.36 26.60 -10.72
C GLN B 356 11.34 25.16 -11.21
N ALA B 357 12.13 24.87 -12.25
CA ALA B 357 12.03 23.59 -12.92
C ALA B 357 13.32 22.77 -12.87
N ARG B 358 13.20 21.46 -12.69
CA ARG B 358 14.36 20.57 -12.66
C ARG B 358 14.04 19.30 -13.43
N ASP B 359 15.07 18.52 -13.76
CA ASP B 359 14.93 17.20 -14.38
C ASP B 359 16.07 16.33 -13.87
N TYR B 360 15.78 15.07 -13.55
CA TYR B 360 16.81 14.13 -13.07
C TYR B 360 16.76 12.83 -13.85
N SER B 361 17.87 12.10 -13.88
CA SER B 361 17.89 10.79 -14.54
C SER B 361 17.21 9.74 -13.66
N GLN B 362 16.76 8.66 -14.28
CA GLN B 362 16.12 7.60 -13.53
C GLN B 362 17.16 6.93 -12.66
N GLU B 363 18.39 6.95 -13.13
CA GLU B 363 19.48 6.35 -12.39
C GLU B 363 19.72 7.09 -11.07
N GLU B 364 19.64 8.41 -11.10
CA GLU B 364 19.90 9.19 -9.90
C GLU B 364 18.68 9.16 -8.99
N SER B 365 17.50 9.18 -9.59
CA SER B 365 16.25 9.12 -8.82
C SER B 365 16.09 7.78 -8.14
N PHE B 366 16.33 6.68 -8.86
CA PHE B 366 16.10 5.34 -8.30
C PHE B 366 17.06 5.04 -7.16
N LYS B 367 18.29 5.50 -7.30
CA LYS B 367 19.28 5.40 -6.21
C LYS B 367 18.81 6.15 -4.97
N TRP B 368 18.13 7.27 -5.18
CA TRP B 368 17.56 7.99 -4.06
C TRP B 368 16.37 7.19 -3.50
N ALA B 369 15.59 6.60 -4.41
CA ALA B 369 14.43 5.79 -4.00
C ALA B 369 14.83 4.66 -3.06
N LYS B 370 15.87 3.93 -3.44
CA LYS B 370 16.37 2.81 -2.64
C LYS B 370 16.87 3.30 -1.28
N LEU B 371 17.60 4.41 -1.26
CA LEU B 371 18.03 5.03 0.01
C LEU B 371 16.81 5.39 0.89
N PHE B 372 15.82 6.03 0.28
CA PHE B 372 14.60 6.43 1.00
C PHE B 372 13.90 5.20 1.60
N SER B 373 13.88 4.12 0.84
CA SER B 373 13.22 2.89 1.25
C SER B 373 13.87 2.30 2.51
N GLU B 374 15.19 2.32 2.57
CA GLU B 374 15.87 1.79 3.75
C GLU B 374 15.77 2.70 4.96
N LEU B 375 15.66 3.99 4.69
CA LEU B 375 15.68 4.97 5.75
C LEU B 375 14.33 5.09 6.39
N GLU B 376 13.33 5.27 5.54
CA GLU B 376 12.00 5.63 5.99
C GLU B 376 11.05 4.45 5.97
N GLY B 377 11.42 3.41 5.21
CA GLY B 377 10.69 2.15 5.18
C GLY B 377 9.60 2.01 4.13
N TYR B 378 9.41 3.02 3.31
CA TYR B 378 8.26 3.09 2.40
C TYR B 378 8.75 3.20 0.97
N ILE B 379 8.24 2.35 0.07
CA ILE B 379 8.75 2.35 -1.30
C ILE B 379 7.96 3.30 -2.19
N PRO B 380 8.64 4.37 -2.63
CA PRO B 380 8.07 5.42 -3.48
C PRO B 380 7.82 4.88 -4.87
N ALA B 381 6.84 5.45 -5.54
CA ALA B 381 6.66 5.22 -6.95
C ALA B 381 7.87 5.76 -7.68
N PRO B 382 8.24 5.11 -8.78
CA PRO B 382 9.34 5.58 -9.64
C PRO B 382 9.10 7.02 -10.07
N GLU B 383 7.85 7.39 -10.39
CA GLU B 383 7.53 8.81 -10.63
C GLU B 383 7.97 9.71 -9.46
N THR B 384 7.49 9.41 -8.26
CA THR B 384 7.78 10.21 -7.06
C THR B 384 9.27 10.35 -6.72
N SER B 385 10.07 9.36 -7.10
CA SER B 385 11.48 9.36 -6.70
C SER B 385 12.22 10.53 -7.35
N HIS B 386 11.62 11.14 -8.38
CA HIS B 386 12.23 12.31 -9.01
C HIS B 386 12.22 13.57 -8.15
N ALA B 387 11.52 13.54 -7.03
CA ALA B 387 11.48 14.67 -6.11
C ALA B 387 12.62 14.60 -5.12
N LEU B 388 13.17 13.41 -4.93
CA LEU B 388 14.16 13.22 -3.88
C LEU B 388 15.47 13.97 -4.15
N PRO B 389 15.94 13.96 -5.40
CA PRO B 389 17.13 14.76 -5.71
C PRO B 389 16.92 16.25 -5.42
N ILE B 390 15.67 16.70 -5.40
CA ILE B 390 15.41 18.10 -5.05
C ILE B 390 15.76 18.32 -3.58
N LEU B 391 15.42 17.35 -2.75
CA LEU B 391 15.66 17.50 -1.32
C LEU B 391 17.13 17.68 -1.06
N ALA B 392 17.94 16.92 -1.78
CA ALA B 392 19.38 16.94 -1.59
C ALA B 392 19.94 18.33 -1.94
N GLU B 393 19.39 18.94 -2.98
CA GLU B 393 19.78 20.30 -3.36
C GLU B 393 19.34 21.34 -2.33
N ILE B 394 18.14 21.19 -1.77
CA ILE B 394 17.67 22.14 -0.79
C ILE B 394 18.50 22.05 0.48
N ALA B 395 18.92 20.83 0.83
CA ALA B 395 19.71 20.60 2.04
C ALA B 395 21.15 21.11 1.94
N GLU B 396 21.79 20.90 0.79
CA GLU B 396 23.11 21.47 0.55
C GLU B 396 23.03 22.98 0.58
N GLU B 397 22.01 23.54 -0.06
CA GLU B 397 21.78 24.97 -0.01
C GLU B 397 21.59 25.51 1.41
N ALA B 398 20.82 24.80 2.24
CA ALA B 398 20.56 25.22 3.62
C ALA B 398 21.82 25.10 4.47
N LYS B 399 22.65 24.12 4.11
CA LYS B 399 23.91 23.90 4.80
C LYS B 399 24.86 25.08 4.57
N LYS B 400 24.84 25.63 3.36
CA LYS B 400 25.73 26.73 3.00
C LYS B 400 25.30 28.06 3.60
N SER B 401 23.98 28.27 3.71
CA SER B 401 23.42 29.47 4.32
C SER B 401 23.23 29.35 5.84
N GLY B 402 23.27 28.13 6.35
CA GLY B 402 23.02 27.89 7.76
C GLY B 402 21.55 28.02 8.15
N GLU B 403 20.68 28.33 7.19
CA GLU B 403 19.25 28.43 7.46
C GLU B 403 18.59 27.05 7.39
N ARG B 404 17.76 26.73 8.37
CA ARG B 404 17.10 25.43 8.41
C ARG B 404 15.68 25.51 7.84
N LYS B 405 15.54 25.07 6.59
CA LYS B 405 14.30 25.25 5.82
C LYS B 405 13.28 24.11 5.99
N THR B 406 11.99 24.43 5.85
CA THR B 406 10.95 23.42 5.88
C THR B 406 10.44 23.09 4.48
N VAL B 407 10.39 21.81 4.15
CA VAL B 407 10.00 21.34 2.82
C VAL B 407 8.72 20.49 2.88
N LEU B 408 7.76 20.81 2.04
CA LEU B 408 6.56 19.98 1.88
C LEU B 408 6.62 19.28 0.53
N VAL B 409 6.53 17.95 0.53
CA VAL B 409 6.64 17.15 -0.69
C VAL B 409 5.34 16.49 -1.11
N SER B 410 4.96 16.60 -2.38
CA SER B 410 3.87 15.77 -2.88
C SER B 410 4.40 14.34 -3.09
N PHE B 411 4.02 13.42 -2.22
CA PHE B 411 4.45 12.03 -2.33
C PHE B 411 3.38 11.29 -3.11
N SER B 412 3.51 11.30 -4.43
CA SER B 412 2.37 11.07 -5.30
C SER B 412 1.88 9.63 -5.35
N GLY B 413 2.74 8.67 -5.04
CA GLY B 413 2.35 7.26 -5.10
C GLY B 413 3.39 6.34 -4.50
N HIS B 414 3.01 5.09 -4.23
CA HIS B 414 3.99 4.11 -3.80
C HIS B 414 4.43 3.28 -4.99
N GLY B 415 5.47 2.46 -4.81
CA GLY B 415 6.03 1.70 -5.90
C GLY B 415 5.85 0.19 -5.80
N LEU B 416 4.85 -0.27 -5.03
CA LEU B 416 4.67 -1.70 -4.83
C LEU B 416 4.36 -2.45 -6.13
N LEU B 417 3.71 -1.80 -7.09
CA LEU B 417 3.47 -2.50 -8.36
C LEU B 417 4.52 -2.09 -9.41
N ASP B 418 5.55 -1.37 -8.97
CA ASP B 418 6.57 -0.88 -9.89
C ASP B 418 7.94 -1.47 -9.57
N LEU B 419 7.95 -2.55 -8.81
CA LEU B 419 9.21 -3.13 -8.33
C LEU B 419 10.02 -3.68 -9.49
N GLY B 420 9.32 -4.09 -10.55
CA GLY B 420 9.97 -4.54 -11.76
C GLY B 420 10.71 -3.41 -12.42
N ASN B 421 10.14 -2.22 -12.37
CA ASN B 421 10.79 -1.05 -12.91
C ASN B 421 12.10 -0.80 -12.19
N TYR B 422 12.02 -0.79 -10.86
CA TYR B 422 13.19 -0.58 -10.03
C TYR B 422 14.26 -1.63 -10.30
N ALA B 423 13.84 -2.90 -10.35
CA ALA B 423 14.77 -4.01 -10.52
C ALA B 423 15.58 -3.88 -11.81
N SER B 424 14.95 -3.41 -12.88
CA SER B 424 15.63 -3.33 -14.18
C SER B 424 16.79 -2.36 -14.13
N VAL B 425 16.73 -1.41 -13.20
CA VAL B 425 17.76 -0.40 -13.11
C VAL B 425 18.73 -0.69 -11.98
N LEU B 426 18.25 -1.21 -10.87
CA LEU B 426 19.08 -1.26 -9.66
C LEU B 426 19.68 -2.63 -9.35
N PHE B 427 18.98 -3.67 -9.73
CA PHE B 427 19.34 -5.00 -9.30
C PHE B 427 19.90 -5.76 -10.46
N LYS B 428 20.77 -5.11 -11.19
CA LYS B 428 21.30 -5.64 -12.42
C LYS B 428 20.15 -5.92 -13.33
#